data_2PMQ
#
_entry.id   2PMQ
#
_cell.length_a   136.381
_cell.length_b   136.381
_cell.length_c   80.925
_cell.angle_alpha   90.000
_cell.angle_beta   90.000
_cell.angle_gamma   90.000
#
_symmetry.space_group_name_H-M   'P 4 21 2'
#
loop_
_entity.id
_entity.type
_entity.pdbx_description
1 polymer 'Mandelate racemase/muconate lactonizing enzyme'
2 non-polymer 'MAGNESIUM ION'
3 water water
#
_entity_poly.entity_id   1
_entity_poly.type   'polypeptide(L)'
_entity_poly.pdbx_seq_one_letter_code
;(MSE)SLKIAEIQLFQHDLPVVNGPYRIASGDVWSLTTTIVKIIAEDGTIGWGETCPVGPTYAEAHAGGALAALEVLASG
LAGAEALPLPLHTR(MSE)DSLLCGHNYAKSALDIAVHDLWGKRLGVPVHELLGGALTDSVSSYYSLGV(MSE)EPDEAA
RQALEKQREGYSRLQVKLGARPIEIDIEAIRKVWEAVRGTGIALAADGNRGWTTRDALRFSRECPDIPFV(MSE)EQPCN
SFEDLEAIRPLCHHALY(MSE)DEDGTSLNTVITAAATSLVDGFG(MSE)KVSRIGGLQH(MSE)RAFRDFCAARNLPHT
CDDAWGGDIVSAACTHIASTVLPRL(MSE)EGAWLAQPYVAEHYDAENGVRIEGGRIRVPQGPGLGLTIDPERFGPPLFS
AEGHHHHHH
;
_entity_poly.pdbx_strand_id   A,B
#
# COMPACT_ATOMS: atom_id res chain seq x y z
N LYS A 4 -17.18 -24.69 7.11
CA LYS A 4 -17.43 -23.21 7.11
C LYS A 4 -16.79 -22.58 8.34
N ILE A 5 -16.35 -21.33 8.19
CA ILE A 5 -15.82 -20.55 9.30
C ILE A 5 -16.94 -20.11 10.24
N ALA A 6 -16.80 -20.44 11.52
CA ALA A 6 -17.78 -20.07 12.54
C ALA A 6 -17.35 -18.82 13.30
N GLU A 7 -16.08 -18.73 13.67
CA GLU A 7 -15.58 -17.63 14.47
C GLU A 7 -14.14 -17.30 14.07
N ILE A 8 -13.77 -16.04 14.20
CA ILE A 8 -12.41 -15.56 14.01
C ILE A 8 -11.99 -14.72 15.20
N GLN A 9 -10.84 -15.05 15.77
CA GLN A 9 -10.27 -14.32 16.90
C GLN A 9 -8.93 -13.74 16.50
N LEU A 10 -8.67 -12.52 16.95
CA LEU A 10 -7.41 -11.84 16.72
C LEU A 10 -6.68 -11.55 18.02
N PHE A 11 -5.36 -11.64 17.97
CA PHE A 11 -4.48 -11.42 19.10
C PHE A 11 -3.24 -10.71 18.62
N GLN A 12 -2.54 -10.05 19.53
CA GLN A 12 -1.18 -9.59 19.25
C GLN A 12 -0.23 -10.07 20.34
N HIS A 13 1.06 -10.13 20.02
CA HIS A 13 2.05 -10.73 20.91
C HIS A 13 3.37 -10.08 20.63
N ASP A 14 4.12 -9.76 21.70
CA ASP A 14 5.43 -9.15 21.53
C ASP A 14 6.55 -10.18 21.32
N LEU A 15 7.41 -9.89 20.36
CA LEU A 15 8.57 -10.69 20.03
C LEU A 15 9.84 -9.83 20.14
N PRO A 16 10.43 -9.75 21.33
CA PRO A 16 11.72 -9.08 21.48
C PRO A 16 12.83 -9.72 20.63
N VAL A 17 13.68 -8.91 20.03
CA VAL A 17 14.75 -9.40 19.15
C VAL A 17 15.90 -9.87 20.01
N VAL A 18 16.12 -11.18 20.05
CA VAL A 18 17.22 -11.79 20.79
C VAL A 18 18.55 -11.26 20.27
N ASN A 19 19.32 -10.67 21.18
CA ASN A 19 20.58 -9.97 20.86
C ASN A 19 20.42 -8.84 19.85
N GLY A 20 19.29 -8.12 19.90
CA GLY A 20 19.01 -7.02 18.97
C GLY A 20 19.78 -5.74 19.31
N PRO A 21 19.59 -4.66 18.53
CA PRO A 21 18.65 -4.58 17.42
C PRO A 21 19.12 -5.38 16.22
N TYR A 22 18.17 -5.61 15.33
CA TYR A 22 18.50 -6.16 14.07
C TYR A 22 18.40 -5.15 12.94
N ARG A 23 19.46 -4.87 12.15
CA ARG A 23 19.76 -3.50 11.73
C ARG A 23 19.53 -3.63 10.21
N ILE A 24 18.70 -2.75 9.61
CA ILE A 24 18.38 -2.81 8.18
C ILE A 24 18.44 -1.40 7.58
N ALA A 25 18.90 -1.27 6.33
CA ALA A 25 18.99 0.06 5.68
C ALA A 25 17.70 0.87 5.80
N SER A 26 16.56 0.20 5.65
CA SER A 26 15.26 0.89 5.65
C SER A 26 14.68 1.10 7.05
N GLY A 27 15.41 0.65 8.09
CA GLY A 27 14.96 0.83 9.48
C GLY A 27 15.32 -0.36 10.37
N ASP A 28 15.95 -0.05 11.51
CA ASP A 28 16.37 -1.08 12.46
C ASP A 28 15.16 -1.52 13.29
N VAL A 29 15.21 -2.76 13.80
CA VAL A 29 14.15 -3.27 14.73
C VAL A 29 14.67 -3.81 16.08
N TRP A 30 13.99 -3.43 17.17
CA TRP A 30 14.35 -3.87 18.53
CA TRP A 30 14.35 -3.86 18.53
C TRP A 30 13.37 -4.90 19.11
N SER A 31 12.10 -4.77 18.76
CA SER A 31 11.08 -5.71 19.21
C SER A 31 9.99 -5.63 18.15
N LEU A 32 9.31 -6.74 17.91
CA LEU A 32 8.27 -6.80 16.88
C LEU A 32 6.91 -7.16 17.51
N THR A 33 5.83 -6.65 16.95
CA THR A 33 4.50 -7.00 17.43
C THR A 33 3.84 -7.85 16.35
N THR A 34 3.67 -9.13 16.63
CA THR A 34 3.02 -10.02 15.71
C THR A 34 1.51 -10.00 15.93
N THR A 35 0.77 -10.29 14.87
CA THR A 35 -0.70 -10.37 14.88
C THR A 35 -1.10 -11.79 14.51
N ILE A 36 -1.81 -12.42 15.42
CA ILE A 36 -2.14 -13.85 15.33
C ILE A 36 -3.63 -13.97 15.07
N VAL A 37 -4.00 -14.88 14.18
CA VAL A 37 -5.40 -15.16 13.88
C VAL A 37 -5.68 -16.60 14.25
N LYS A 38 -6.85 -16.82 14.83
CA LYS A 38 -7.38 -18.16 15.04
C LYS A 38 -8.73 -18.22 14.35
N ILE A 39 -8.88 -19.16 13.42
CA ILE A 39 -10.17 -19.41 12.82
C ILE A 39 -10.74 -20.67 13.47
N ILE A 40 -12.03 -20.62 13.79
CA ILE A 40 -12.73 -21.76 14.37
C ILE A 40 -13.83 -22.19 13.41
N ALA A 41 -13.80 -23.45 13.01
CA ALA A 41 -14.80 -24.01 12.12
C ALA A 41 -16.06 -24.34 12.91
N GLU A 42 -17.15 -24.54 12.19
CA GLU A 42 -18.43 -24.95 12.78
C GLU A 42 -18.31 -26.22 13.63
N ASP A 43 -17.38 -27.10 13.29
CA ASP A 43 -17.11 -28.32 14.08
C ASP A 43 -16.15 -28.14 15.28
N GLY A 44 -15.72 -26.90 15.54
CA GLY A 44 -14.87 -26.58 16.67
C GLY A 44 -13.38 -26.72 16.43
N THR A 45 -12.98 -27.24 15.28
CA THR A 45 -11.55 -27.36 14.98
C THR A 45 -11.02 -25.97 14.67
N ILE A 46 -9.71 -25.78 14.86
CA ILE A 46 -9.12 -24.45 14.75
C ILE A 46 -7.93 -24.44 13.81
N GLY A 47 -7.68 -23.27 13.23
CA GLY A 47 -6.48 -23.09 12.43
C GLY A 47 -5.85 -21.80 12.84
N TRP A 48 -4.52 -21.75 12.79
CA TRP A 48 -3.76 -20.56 13.21
C TRP A 48 -3.07 -19.86 12.02
N GLY A 49 -3.05 -18.54 12.07
CA GLY A 49 -2.37 -17.72 11.09
C GLY A 49 -1.62 -16.61 11.80
N GLU A 50 -0.73 -15.93 11.07
CA GLU A 50 0.18 -14.95 11.70
C GLU A 50 0.72 -14.02 10.65
N THR A 51 0.87 -12.75 11.03
CA THR A 51 1.57 -11.77 10.19
C THR A 51 2.31 -10.78 11.08
N CYS A 52 3.57 -10.49 10.74
CA CYS A 52 4.41 -9.68 11.58
C CYS A 52 5.35 -8.80 10.77
N PRO A 53 4.93 -7.57 10.45
CA PRO A 53 5.83 -6.66 9.72
C PRO A 53 7.12 -6.41 10.46
N VAL A 54 8.21 -6.18 9.73
CA VAL A 54 9.49 -5.92 10.37
C VAL A 54 9.57 -4.45 10.70
N GLY A 55 8.77 -4.05 11.67
CA GLY A 55 8.58 -2.65 12.03
C GLY A 55 7.83 -1.91 10.94
N PRO A 56 7.61 -0.61 11.15
CA PRO A 56 6.72 0.15 10.26
C PRO A 56 7.36 0.83 9.04
N THR A 57 8.68 0.74 8.85
CA THR A 57 9.31 1.41 7.69
C THR A 57 10.00 0.47 6.67
N TYR A 58 9.97 -0.84 6.92
N TYR A 58 9.91 -0.83 6.91
CA TYR A 58 10.52 -1.79 5.94
CA TYR A 58 10.49 -1.84 6.03
C TYR A 58 9.69 -1.83 4.67
C TYR A 58 9.69 -2.00 4.72
N ALA A 59 8.37 -1.91 4.84
CA ALA A 59 7.45 -2.01 3.72
C ALA A 59 6.19 -1.25 4.08
N GLU A 60 5.21 -1.25 3.17
CA GLU A 60 3.96 -0.55 3.42
C GLU A 60 3.04 -1.43 4.23
N ALA A 61 3.36 -1.49 5.51
CA ALA A 61 2.79 -2.47 6.42
C ALA A 61 3.24 -2.15 7.82
N HIS A 62 2.34 -2.30 8.79
CA HIS A 62 2.68 -2.13 10.21
C HIS A 62 1.72 -2.92 11.10
N ALA A 63 2.16 -3.20 12.34
CA ALA A 63 1.37 -4.05 13.25
C ALA A 63 -0.05 -3.52 13.46
N GLY A 64 -0.20 -2.21 13.66
CA GLY A 64 -1.53 -1.65 13.81
C GLY A 64 -2.37 -1.73 12.56
N GLY A 65 -1.72 -1.68 11.42
CA GLY A 65 -2.38 -1.87 10.14
C GLY A 65 -2.88 -3.29 9.93
N ALA A 66 -2.07 -4.27 10.33
CA ALA A 66 -2.47 -5.69 10.29
C ALA A 66 -3.74 -5.87 11.10
N LEU A 67 -3.74 -5.38 12.32
CA LEU A 67 -4.92 -5.57 13.21
C LEU A 67 -6.15 -4.90 12.66
N ALA A 68 -6.01 -3.66 12.19
CA ALA A 68 -7.15 -2.93 11.64
C ALA A 68 -7.73 -3.59 10.40
N ALA A 69 -6.87 -4.04 9.48
CA ALA A 69 -7.30 -4.73 8.30
C ALA A 69 -7.99 -6.05 8.64
N LEU A 70 -7.42 -6.79 9.57
CA LEU A 70 -7.94 -8.08 9.99
C LEU A 70 -9.29 -7.94 10.67
N GLU A 71 -9.51 -6.84 11.37
CA GLU A 71 -10.84 -6.56 11.92
C GLU A 71 -11.89 -6.46 10.81
N VAL A 72 -11.58 -5.74 9.73
CA VAL A 72 -12.48 -5.58 8.60
C VAL A 72 -12.74 -6.93 7.96
N LEU A 73 -11.65 -7.67 7.74
CA LEU A 73 -11.77 -8.98 7.08
C LEU A 73 -12.59 -9.95 7.94
N ALA A 74 -12.24 -10.02 9.22
CA ALA A 74 -12.87 -10.96 10.16
C ALA A 74 -14.35 -10.68 10.27
N SER A 75 -14.72 -9.39 10.20
CA SER A 75 -16.12 -8.97 10.36
C SER A 75 -17.03 -9.42 9.24
N GLY A 76 -16.49 -9.77 8.08
CA GLY A 76 -17.27 -10.24 6.96
C GLY A 76 -17.02 -11.68 6.55
N LEU A 77 -16.29 -12.45 7.36
CA LEU A 77 -15.86 -13.80 6.95
C LEU A 77 -16.66 -14.98 7.50
N ALA A 78 -17.45 -14.77 8.56
CA ALA A 78 -18.32 -15.85 9.05
C ALA A 78 -19.12 -16.43 7.90
N GLY A 79 -19.19 -17.76 7.83
CA GLY A 79 -19.96 -18.44 6.80
C GLY A 79 -19.21 -18.75 5.52
N ALA A 80 -18.05 -18.12 5.30
CA ALA A 80 -17.23 -18.42 4.15
C ALA A 80 -16.67 -19.84 4.29
N GLU A 81 -16.54 -20.52 3.15
CA GLU A 81 -15.91 -21.85 3.12
C GLU A 81 -14.44 -21.71 3.43
N ALA A 82 -13.91 -22.61 4.27
CA ALA A 82 -12.48 -22.62 4.60
C ALA A 82 -11.65 -23.32 3.53
N LEU A 83 -11.69 -22.79 2.32
CA LEU A 83 -10.84 -23.23 1.22
C LEU A 83 -10.20 -21.99 0.60
N PRO A 84 -9.03 -22.13 -0.03
CA PRO A 84 -8.30 -20.92 -0.45
C PRO A 84 -9.04 -19.99 -1.45
N LEU A 85 -9.59 -20.54 -2.52
CA LEU A 85 -10.20 -19.65 -3.50
C LEU A 85 -11.46 -18.97 -2.94
N PRO A 86 -12.37 -19.73 -2.30
CA PRO A 86 -13.51 -19.05 -1.64
C PRO A 86 -13.12 -18.01 -0.61
N LEU A 87 -12.06 -18.28 0.15
CA LEU A 87 -11.58 -17.34 1.16
C LEU A 87 -11.12 -16.04 0.49
N HIS A 88 -10.26 -16.16 -0.50
CA HIS A 88 -9.70 -14.98 -1.16
C HIS A 88 -10.78 -14.19 -1.89
N THR A 89 -11.75 -14.91 -2.42
CA THR A 89 -12.90 -14.27 -3.05
C THR A 89 -13.65 -13.39 -2.06
N ARG A 90 -13.93 -13.93 -0.88
CA ARG A 90 -14.63 -13.18 0.16
C ARG A 90 -13.73 -12.03 0.65
N ASP A 92 -11.37 -10.38 -0.83
CA ASP A 92 -11.17 -9.33 -1.80
C ASP A 92 -12.43 -8.49 -1.95
N SER A 93 -13.61 -9.08 -1.64
CA SER A 93 -14.88 -8.34 -1.66
C SER A 93 -15.02 -7.39 -0.47
N LEU A 94 -14.22 -7.60 0.57
CA LEU A 94 -14.30 -6.85 1.81
C LEU A 94 -13.25 -5.74 1.92
N LEU A 95 -12.09 -5.93 1.28
CA LEU A 95 -10.97 -5.01 1.48
C LEU A 95 -10.03 -5.10 0.29
N CYS A 96 -9.70 -3.95 -0.30
CA CYS A 96 -8.74 -3.88 -1.42
C CYS A 96 -7.32 -3.95 -0.86
N GLY A 97 -6.46 -4.78 -1.46
CA GLY A 97 -5.08 -4.86 -1.05
C GLY A 97 -4.87 -5.43 0.34
N HIS A 98 -3.93 -4.87 1.08
CA HIS A 98 -3.57 -5.33 2.41
C HIS A 98 -3.19 -6.82 2.40
N ASN A 99 -2.40 -7.20 1.41
CA ASN A 99 -1.92 -8.58 1.30
C ASN A 99 -1.39 -9.12 2.62
N TYR A 100 -0.59 -8.34 3.33
CA TYR A 100 0.02 -8.84 4.56
C TYR A 100 -0.96 -9.23 5.63
N ALA A 101 -2.11 -8.57 5.66
CA ALA A 101 -3.21 -8.97 6.56
C ALA A 101 -3.93 -10.22 6.07
N LYS A 102 -4.25 -10.24 4.78
CA LYS A 102 -4.95 -11.35 4.18
C LYS A 102 -4.13 -12.63 4.33
N SER A 103 -2.80 -12.50 4.29
CA SER A 103 -1.90 -13.63 4.45
C SER A 103 -2.18 -14.43 5.70
N ALA A 104 -2.43 -13.74 6.81
CA ALA A 104 -2.63 -14.43 8.09
C ALA A 104 -3.87 -15.34 8.03
N LEU A 105 -4.97 -14.84 7.47
CA LEU A 105 -6.20 -15.65 7.31
C LEU A 105 -5.98 -16.81 6.32
N ASP A 106 -5.25 -16.54 5.24
CA ASP A 106 -4.89 -17.61 4.30
C ASP A 106 -4.13 -18.75 4.99
N ILE A 107 -3.14 -18.41 5.82
CA ILE A 107 -2.35 -19.41 6.55
C ILE A 107 -3.26 -20.27 7.44
N ALA A 108 -4.16 -19.61 8.14
CA ALA A 108 -5.09 -20.25 9.08
C ALA A 108 -6.04 -21.21 8.36
N VAL A 109 -6.51 -20.80 7.18
CA VAL A 109 -7.33 -21.67 6.36
C VAL A 109 -6.56 -22.91 5.91
N HIS A 110 -5.30 -22.78 5.50
CA HIS A 110 -4.51 -23.95 5.11
C HIS A 110 -4.29 -24.88 6.32
N ASP A 111 -4.11 -24.29 7.50
CA ASP A 111 -3.94 -25.11 8.72
C ASP A 111 -5.24 -25.90 8.96
N LEU A 112 -6.38 -25.23 8.92
CA LEU A 112 -7.69 -25.85 9.18
C LEU A 112 -8.02 -26.92 8.16
N TRP A 113 -7.74 -26.62 6.89
CA TRP A 113 -7.97 -27.54 5.77
C TRP A 113 -7.13 -28.80 5.93
N GLY A 114 -5.84 -28.65 6.21
CA GLY A 114 -4.95 -29.82 6.40
C GLY A 114 -5.42 -30.66 7.60
N LYS A 115 -5.82 -29.99 8.68
CA LYS A 115 -6.29 -30.73 9.86
C LYS A 115 -7.57 -31.53 9.55
N ARG A 116 -8.50 -30.93 8.82
CA ARG A 116 -9.73 -31.62 8.43
C ARG A 116 -9.44 -32.86 7.61
N LEU A 117 -8.54 -32.73 6.65
CA LEU A 117 -8.23 -33.84 5.74
C LEU A 117 -7.13 -34.79 6.25
N GLY A 118 -6.47 -34.41 7.34
CA GLY A 118 -5.44 -35.23 7.98
C GLY A 118 -4.14 -35.32 7.17
N VAL A 119 -3.76 -34.19 6.55
CA VAL A 119 -2.55 -34.09 5.72
C VAL A 119 -1.80 -32.79 6.02
N PRO A 120 -0.47 -32.81 5.84
CA PRO A 120 0.31 -31.60 6.05
C PRO A 120 -0.01 -30.57 5.00
N VAL A 121 0.22 -29.31 5.33
CA VAL A 121 0.02 -28.24 4.38
C VAL A 121 0.84 -28.45 3.12
N HIS A 122 2.05 -29.00 3.22
CA HIS A 122 2.84 -29.26 2.00
C HIS A 122 2.14 -30.18 0.98
N GLU A 123 1.32 -31.11 1.46
CA GLU A 123 0.49 -31.92 0.56
C GLU A 123 -0.54 -31.05 -0.17
N LEU A 124 -1.24 -30.20 0.56
CA LEU A 124 -2.26 -29.32 -0.02
C LEU A 124 -1.65 -28.37 -1.05
N LEU A 125 -0.37 -28.05 -0.87
CA LEU A 125 0.31 -27.15 -1.80
C LEU A 125 0.90 -27.88 -3.00
N GLY A 126 0.66 -29.19 -3.12
CA GLY A 126 1.07 -29.96 -4.30
C GLY A 126 1.95 -31.16 -4.03
N GLY A 127 2.54 -31.21 -2.83
CA GLY A 127 3.38 -32.31 -2.42
C GLY A 127 4.82 -31.88 -2.23
N ALA A 128 5.35 -32.14 -1.05
CA ALA A 128 6.75 -31.85 -0.76
C ALA A 128 7.69 -32.68 -1.64
N LEU A 129 8.80 -32.07 -2.01
CA LEU A 129 9.85 -32.70 -2.80
C LEU A 129 11.03 -33.12 -1.92
N THR A 130 11.00 -32.74 -0.65
CA THR A 130 12.11 -32.96 0.27
C THR A 130 11.56 -32.99 1.69
N ASP A 131 12.28 -33.64 2.61
CA ASP A 131 11.87 -33.60 4.03
C ASP A 131 12.72 -32.64 4.88
N SER A 132 13.70 -31.99 4.27
CA SER A 132 14.40 -30.88 4.90
C SER A 132 14.74 -29.83 3.85
N VAL A 133 14.77 -28.58 4.29
CA VAL A 133 15.04 -27.50 3.40
C VAL A 133 16.23 -26.66 3.86
N SER A 134 16.88 -26.02 2.89
CA SER A 134 18.01 -25.13 3.15
CA SER A 134 18.01 -25.13 3.15
C SER A 134 17.49 -23.82 3.71
N SER A 135 18.36 -23.12 4.42
CA SER A 135 18.05 -21.78 4.93
C SER A 135 19.21 -20.89 4.52
N TYR A 136 19.02 -19.60 4.73
CA TYR A 136 20.09 -18.66 4.60
C TYR A 136 20.06 -17.74 5.79
N TYR A 137 21.23 -17.24 6.18
CA TYR A 137 21.32 -16.36 7.33
C TYR A 137 21.48 -14.93 6.85
N SER A 138 20.79 -14.01 7.52
CA SER A 138 20.82 -12.57 7.20
C SER A 138 21.63 -11.80 8.22
N LEU A 139 22.77 -11.29 7.77
CA LEU A 139 23.58 -10.42 8.60
C LEU A 139 22.99 -9.02 8.54
N GLY A 140 22.46 -8.54 9.67
CA GLY A 140 22.07 -7.14 9.80
C GLY A 140 23.22 -6.21 9.44
N VAL A 141 22.91 -4.94 9.15
CA VAL A 141 23.98 -3.99 8.85
C VAL A 141 24.89 -3.88 10.09
N GLU A 143 29.49 -3.53 11.30
CA GLU A 143 30.85 -3.25 10.85
C GLU A 143 31.36 -4.33 9.90
N PRO A 144 32.11 -3.94 8.85
CA PRO A 144 32.73 -4.89 7.92
C PRO A 144 33.48 -6.05 8.58
N ASP A 145 34.28 -5.75 9.61
CA ASP A 145 35.01 -6.80 10.34
C ASP A 145 34.08 -7.79 11.02
N GLU A 146 33.04 -7.26 11.66
CA GLU A 146 32.09 -8.09 12.38
C GLU A 146 31.32 -8.97 11.37
N ALA A 147 30.98 -8.39 10.23
CA ALA A 147 30.29 -9.16 9.20
C ALA A 147 31.11 -10.33 8.67
N ALA A 148 32.41 -10.11 8.47
CA ALA A 148 33.31 -11.13 7.98
C ALA A 148 33.43 -12.26 9.01
N ARG A 149 33.45 -11.87 10.28
CA ARG A 149 33.55 -12.82 11.38
C ARG A 149 32.32 -13.70 11.45
N GLN A 150 31.16 -13.04 11.53
CA GLN A 150 29.87 -13.73 11.57
C GLN A 150 29.59 -14.54 10.30
N ALA A 151 30.03 -14.06 9.13
CA ALA A 151 29.90 -14.83 7.90
C ALA A 151 30.55 -16.21 7.99
N LEU A 152 31.81 -16.24 8.45
CA LEU A 152 32.55 -17.49 8.59
C LEU A 152 31.90 -18.42 9.61
N GLU A 153 31.49 -17.83 10.71
CA GLU A 153 30.80 -18.54 11.78
C GLU A 153 29.54 -19.24 11.24
N LYS A 154 28.75 -18.53 10.44
CA LYS A 154 27.49 -19.09 9.94
C LYS A 154 27.72 -20.11 8.85
N GLN A 155 28.77 -19.95 8.06
CA GLN A 155 29.15 -20.97 7.10
C GLN A 155 29.49 -22.24 7.88
N ARG A 156 30.25 -22.09 8.95
CA ARG A 156 30.65 -23.25 9.74
C ARG A 156 29.46 -23.94 10.44
N GLU A 157 28.41 -23.17 10.75
CA GLU A 157 27.16 -23.72 11.30
C GLU A 157 26.40 -24.60 10.29
N GLY A 158 26.64 -24.36 9.00
CA GLY A 158 26.07 -25.20 7.95
C GLY A 158 25.14 -24.47 6.99
N TYR A 159 25.06 -23.14 7.07
CA TYR A 159 24.17 -22.40 6.16
C TYR A 159 24.70 -22.49 4.75
N SER A 160 23.80 -22.70 3.79
CA SER A 160 24.19 -22.85 2.38
C SER A 160 24.37 -21.50 1.69
N ARG A 161 23.85 -20.46 2.33
CA ARG A 161 23.78 -19.12 1.75
C ARG A 161 23.75 -18.07 2.84
N LEU A 162 24.40 -16.94 2.56
CA LEU A 162 24.46 -15.83 3.47
C LEU A 162 23.99 -14.55 2.74
N GLN A 163 23.14 -13.78 3.41
CA GLN A 163 22.71 -12.48 2.93
C GLN A 163 23.34 -11.40 3.79
N VAL A 164 24.04 -10.46 3.14
CA VAL A 164 24.71 -9.38 3.85
C VAL A 164 23.86 -8.13 3.64
N LYS A 165 23.24 -7.63 4.71
CA LYS A 165 22.47 -6.41 4.64
C LYS A 165 23.43 -5.23 4.55
N LEU A 166 23.12 -4.28 3.68
CA LEU A 166 23.99 -3.13 3.39
C LEU A 166 23.21 -1.81 3.36
N GLY A 167 23.93 -0.68 3.30
CA GLY A 167 23.25 0.61 3.10
C GLY A 167 23.08 1.51 4.31
N ALA A 168 22.50 2.68 4.05
CA ALA A 168 22.33 3.77 5.02
C ALA A 168 23.68 4.22 5.61
N ARG A 169 24.69 4.19 4.75
CA ARG A 169 26.04 4.60 5.05
C ARG A 169 26.77 4.71 3.70
N PRO A 170 27.97 5.29 3.67
CA PRO A 170 28.61 5.42 2.35
C PRO A 170 28.86 4.11 1.65
N ILE A 171 28.70 4.10 0.34
CA ILE A 171 28.86 2.87 -0.44
C ILE A 171 30.26 2.26 -0.29
N GLU A 172 31.27 3.10 -0.03
CA GLU A 172 32.64 2.61 0.20
C GLU A 172 32.69 1.53 1.26
N ILE A 173 31.92 1.74 2.31
CA ILE A 173 31.89 0.84 3.49
C ILE A 173 31.14 -0.43 3.13
N ASP A 174 30.03 -0.30 2.39
CA ASP A 174 29.37 -1.49 1.85
C ASP A 174 30.29 -2.37 0.99
N ILE A 175 31.11 -1.75 0.13
CA ILE A 175 32.04 -2.48 -0.72
C ILE A 175 33.11 -3.16 0.14
N GLU A 176 33.58 -2.45 1.15
CA GLU A 176 34.54 -3.01 2.13
C GLU A 176 33.94 -4.24 2.78
N ALA A 177 32.71 -4.11 3.25
CA ALA A 177 32.00 -5.21 3.91
C ALA A 177 31.88 -6.45 3.04
N ILE A 178 31.43 -6.29 1.79
CA ILE A 178 31.28 -7.44 0.91
C ILE A 178 32.63 -8.07 0.53
N ARG A 179 33.68 -7.25 0.38
CA ARG A 179 34.99 -7.83 0.08
C ARG A 179 35.54 -8.64 1.26
N LYS A 180 35.35 -8.08 2.46
CA LYS A 180 35.82 -8.77 3.68
C LYS A 180 35.04 -10.05 3.94
N VAL A 181 33.73 -10.02 3.70
CA VAL A 181 32.94 -11.23 3.78
C VAL A 181 33.43 -12.25 2.79
N TRP A 182 33.63 -11.85 1.54
CA TRP A 182 34.07 -12.78 0.52
C TRP A 182 35.44 -13.38 0.86
N GLU A 183 36.34 -12.55 1.35
CA GLU A 183 37.66 -13.03 1.76
C GLU A 183 37.54 -14.10 2.84
N ALA A 184 36.61 -13.93 3.76
CA ALA A 184 36.37 -14.89 4.84
C ALA A 184 35.78 -16.25 4.38
N VAL A 185 34.90 -16.25 3.38
CA VAL A 185 34.15 -17.46 3.01
C VAL A 185 34.42 -18.04 1.62
N ARG A 186 35.23 -17.37 0.81
CA ARG A 186 35.54 -17.89 -0.52
C ARG A 186 36.17 -19.27 -0.44
N GLY A 187 35.77 -20.14 -1.37
CA GLY A 187 36.25 -21.52 -1.39
C GLY A 187 35.44 -22.50 -0.53
N THR A 188 34.53 -21.99 0.28
CA THR A 188 33.62 -22.87 1.05
C THR A 188 32.40 -23.24 0.21
N GLY A 189 32.19 -22.50 -0.87
CA GLY A 189 31.07 -22.75 -1.76
C GLY A 189 29.76 -22.12 -1.31
N ILE A 190 29.77 -21.39 -0.19
CA ILE A 190 28.55 -20.75 0.35
C ILE A 190 28.12 -19.67 -0.64
N ALA A 191 26.81 -19.59 -0.86
CA ALA A 191 26.24 -18.59 -1.76
C ALA A 191 26.11 -17.24 -1.03
N LEU A 192 26.24 -16.16 -1.81
CA LEU A 192 26.32 -14.83 -1.25
C LEU A 192 25.31 -13.90 -1.91
N ALA A 193 24.54 -13.17 -1.09
CA ALA A 193 23.62 -12.11 -1.54
C ALA A 193 23.99 -10.80 -0.84
N ALA A 194 23.99 -9.71 -1.60
CA ALA A 194 24.22 -8.36 -1.08
C ALA A 194 22.87 -7.66 -1.14
N ASP A 195 22.29 -7.39 0.03
CA ASP A 195 20.99 -6.78 0.11
C ASP A 195 21.04 -5.28 0.46
N GLY A 196 20.75 -4.44 -0.54
CA GLY A 196 20.76 -2.98 -0.36
C GLY A 196 19.53 -2.45 0.31
N ASN A 197 18.49 -3.28 0.43
CA ASN A 197 17.23 -2.94 1.06
C ASN A 197 16.75 -1.56 0.62
N ARG A 198 16.76 -1.33 -0.70
CA ARG A 198 16.27 -0.09 -1.34
C ARG A 198 17.17 1.13 -1.08
N GLY A 199 18.33 0.89 -0.49
CA GLY A 199 19.13 1.96 0.08
C GLY A 199 20.08 2.65 -0.86
N TRP A 200 20.25 2.13 -2.08
CA TRP A 200 21.27 2.68 -2.97
C TRP A 200 20.68 3.47 -4.13
N THR A 201 21.27 4.64 -4.38
CA THR A 201 21.04 5.33 -5.62
C THR A 201 21.56 4.48 -6.78
N THR A 202 21.05 4.69 -8.00
CA THR A 202 21.63 3.98 -9.12
C THR A 202 23.13 4.25 -9.27
N ARG A 203 23.56 5.47 -8.95
CA ARG A 203 25.01 5.81 -8.95
C ARG A 203 25.83 4.78 -8.19
N ASP A 204 25.37 4.47 -6.98
CA ASP A 204 26.12 3.61 -6.07
C ASP A 204 25.94 2.13 -6.38
N ALA A 205 24.77 1.72 -6.86
CA ALA A 205 24.60 0.34 -7.27
C ALA A 205 25.49 0.03 -8.47
N LEU A 206 25.61 0.95 -9.43
CA LEU A 206 26.51 0.73 -10.58
C LEU A 206 27.97 0.51 -10.10
N ARG A 207 28.38 1.32 -9.14
CA ARG A 207 29.74 1.25 -8.62
C ARG A 207 29.97 -0.06 -7.89
N PHE A 208 28.98 -0.49 -7.10
CA PHE A 208 29.06 -1.73 -6.31
C PHE A 208 29.35 -2.92 -7.22
N SER A 209 28.62 -3.01 -8.32
CA SER A 209 28.86 -4.09 -9.27
C SER A 209 30.19 -3.91 -10.03
N ARG A 210 30.44 -2.71 -10.53
CA ARG A 210 31.61 -2.44 -11.37
C ARG A 210 32.92 -2.79 -10.70
N GLU A 211 33.01 -2.47 -9.40
CA GLU A 211 34.21 -2.67 -8.63
C GLU A 211 34.47 -4.15 -8.29
N CYS A 212 33.43 -5.01 -8.35
CA CYS A 212 33.53 -6.40 -7.80
C CYS A 212 33.19 -7.55 -8.74
N PRO A 213 33.72 -7.55 -9.96
CA PRO A 213 33.31 -8.60 -10.92
C PRO A 213 33.62 -10.00 -10.45
N ASP A 214 34.68 -10.16 -9.66
CA ASP A 214 35.07 -11.49 -9.24
C ASP A 214 34.52 -11.89 -7.88
N ILE A 215 33.62 -11.08 -7.31
CA ILE A 215 32.86 -11.50 -6.12
C ILE A 215 31.48 -11.94 -6.59
N PRO A 216 31.14 -13.22 -6.39
CA PRO A 216 29.92 -13.77 -6.99
C PRO A 216 28.66 -13.55 -6.18
N PHE A 217 28.40 -12.30 -5.78
CA PHE A 217 27.15 -12.00 -5.11
C PHE A 217 26.04 -11.84 -6.13
N VAL A 218 24.81 -12.01 -5.66
CA VAL A 218 23.64 -11.46 -6.33
C VAL A 218 23.28 -10.16 -5.62
N GLU A 220 20.52 -7.97 -4.31
CA GLU A 220 19.12 -8.04 -3.94
C GLU A 220 18.57 -6.66 -3.65
N GLN A 221 17.51 -6.29 -4.37
CA GLN A 221 16.85 -5.00 -4.24
C GLN A 221 17.80 -3.88 -3.87
N PRO A 222 18.77 -3.61 -4.75
CA PRO A 222 19.71 -2.54 -4.43
C PRO A 222 19.10 -1.16 -4.33
N CYS A 223 18.12 -0.90 -5.18
CA CYS A 223 17.59 0.44 -5.38
C CYS A 223 16.12 0.53 -4.97
N ASN A 224 15.61 1.73 -4.96
CA ASN A 224 14.39 2.00 -4.24
C ASN A 224 13.13 1.59 -5.00
N SER A 225 13.20 1.55 -6.31
CA SER A 225 12.02 1.36 -7.12
C SER A 225 12.21 0.35 -8.24
N PHE A 226 11.09 -0.08 -8.80
CA PHE A 226 11.10 -0.95 -9.97
C PHE A 226 11.86 -0.25 -11.13
N GLU A 227 11.62 1.03 -11.31
CA GLU A 227 12.23 1.78 -12.40
C GLU A 227 13.75 1.85 -12.23
N ASP A 228 14.20 1.92 -10.99
CA ASP A 228 15.67 1.94 -10.74
C ASP A 228 16.29 0.60 -11.03
N LEU A 229 15.57 -0.48 -10.74
CA LEU A 229 16.04 -1.80 -11.14
C LEU A 229 16.15 -1.85 -12.66
N GLU A 230 15.16 -1.29 -13.35
CA GLU A 230 15.22 -1.23 -14.80
C GLU A 230 16.41 -0.45 -15.34
N ALA A 231 16.76 0.63 -14.66
CA ALA A 231 17.90 1.50 -15.01
C ALA A 231 19.23 0.76 -14.94
N ILE A 232 19.44 0.01 -13.86
CA ILE A 232 20.74 -0.62 -13.65
C ILE A 232 20.88 -1.95 -14.35
N ARG A 233 19.75 -2.62 -14.60
CA ARG A 233 19.78 -3.97 -15.20
C ARG A 233 20.73 -4.11 -16.41
N PRO A 234 20.60 -3.27 -17.42
CA PRO A 234 21.52 -3.42 -18.55
C PRO A 234 22.96 -3.00 -18.29
N LEU A 235 23.26 -2.45 -17.11
CA LEU A 235 24.57 -1.90 -16.81
C LEU A 235 25.29 -2.58 -15.66
N CYS A 236 24.72 -3.68 -15.17
CA CYS A 236 25.34 -4.45 -14.10
CA CYS A 236 25.25 -4.45 -14.06
C CYS A 236 25.48 -5.87 -14.58
N HIS A 237 26.70 -6.38 -14.53
CA HIS A 237 26.97 -7.75 -14.98
C HIS A 237 26.77 -8.81 -13.88
N HIS A 238 26.46 -8.38 -12.65
CA HIS A 238 25.97 -9.26 -11.57
C HIS A 238 24.45 -9.52 -11.63
N ALA A 239 24.04 -10.70 -11.21
CA ALA A 239 22.62 -11.01 -11.13
C ALA A 239 21.92 -10.06 -10.19
N LEU A 240 20.66 -9.75 -10.55
CA LEU A 240 19.82 -8.83 -9.81
C LEU A 240 18.58 -9.58 -9.33
N TYR A 241 18.27 -9.49 -8.03
CA TYR A 241 17.05 -10.06 -7.46
C TYR A 241 16.10 -8.94 -7.01
N ASP A 243 13.11 -7.90 -4.31
CA ASP A 243 12.52 -8.30 -3.02
C ASP A 243 11.33 -7.37 -2.74
N GLU A 244 11.58 -6.22 -2.12
CA GLU A 244 10.54 -5.28 -1.73
C GLU A 244 9.58 -4.88 -2.88
N ASP A 245 10.08 -4.78 -4.10
CA ASP A 245 9.18 -4.40 -5.21
C ASP A 245 8.19 -5.46 -5.67
N GLY A 246 8.33 -6.70 -5.17
CA GLY A 246 7.45 -7.79 -5.57
C GLY A 246 6.18 -7.84 -4.76
N THR A 247 5.31 -6.85 -4.98
CA THR A 247 4.18 -6.59 -4.10
C THR A 247 2.91 -7.32 -4.52
N SER A 248 2.94 -7.96 -5.69
CA SER A 248 1.80 -8.75 -6.20
C SER A 248 2.27 -9.71 -7.26
N LEU A 249 1.45 -10.73 -7.50
CA LEU A 249 1.77 -11.68 -8.55
C LEU A 249 1.83 -10.92 -9.90
N ASN A 250 0.95 -9.95 -10.10
CA ASN A 250 0.99 -9.15 -11.32
C ASN A 250 2.35 -8.50 -11.55
N THR A 251 2.90 -7.89 -10.52
CA THR A 251 4.18 -7.20 -10.62
C THR A 251 5.32 -8.19 -10.84
N VAL A 252 5.26 -9.34 -10.18
CA VAL A 252 6.22 -10.42 -10.46
C VAL A 252 6.20 -10.85 -11.92
N ILE A 253 5.01 -11.06 -12.47
CA ILE A 253 4.88 -11.42 -13.86
C ILE A 253 5.53 -10.38 -14.77
N THR A 254 5.35 -9.10 -14.49
CA THR A 254 6.01 -8.05 -15.26
C THR A 254 7.53 -8.18 -15.18
N ALA A 255 8.07 -8.40 -13.99
CA ALA A 255 9.53 -8.56 -13.82
C ALA A 255 10.09 -9.83 -14.46
N ALA A 256 9.40 -10.96 -14.27
CA ALA A 256 9.86 -12.23 -14.83
C ALA A 256 9.76 -12.23 -16.34
N ALA A 257 8.60 -11.83 -16.83
CA ALA A 257 8.39 -11.82 -18.27
C ALA A 257 9.36 -10.90 -18.97
N THR A 258 9.72 -9.78 -18.37
CA THR A 258 10.71 -8.83 -19.04
C THR A 258 12.22 -9.17 -18.74
N SER A 259 12.44 -10.26 -18.04
CA SER A 259 13.76 -10.68 -17.59
C SER A 259 14.51 -9.55 -16.88
N LEU A 260 13.77 -8.76 -16.09
CA LEU A 260 14.36 -7.71 -15.27
C LEU A 260 15.25 -8.27 -14.17
N VAL A 261 14.89 -9.45 -13.69
CA VAL A 261 15.57 -10.04 -12.56
C VAL A 261 15.94 -11.48 -12.86
N ASP A 262 16.92 -11.96 -12.10
CA ASP A 262 17.39 -13.32 -12.17
C ASP A 262 16.85 -14.18 -11.06
N GLY A 263 16.06 -13.59 -10.17
CA GLY A 263 15.53 -14.30 -9.02
C GLY A 263 14.80 -13.34 -8.05
N PHE A 264 14.28 -13.89 -6.97
CA PHE A 264 13.45 -13.14 -6.05
C PHE A 264 13.75 -13.49 -4.62
N GLY A 265 13.74 -12.47 -3.77
CA GLY A 265 13.45 -12.70 -2.34
C GLY A 265 11.95 -12.56 -2.26
N LYS A 267 8.38 -12.89 0.11
CA LYS A 267 7.75 -12.99 1.42
C LYS A 267 6.29 -13.37 1.27
N VAL A 268 5.88 -14.37 2.07
CA VAL A 268 4.53 -14.86 2.01
C VAL A 268 3.50 -13.77 2.28
N SER A 269 3.76 -12.92 3.27
CA SER A 269 2.79 -11.89 3.59
C SER A 269 2.68 -10.83 2.48
N ARG A 270 3.77 -10.52 1.82
CA ARG A 270 3.77 -9.48 0.79
C ARG A 270 2.89 -9.89 -0.37
N ILE A 271 2.99 -11.17 -0.73
CA ILE A 271 2.24 -11.68 -1.86
C ILE A 271 0.79 -12.09 -1.52
N GLY A 272 0.44 -12.18 -0.23
CA GLY A 272 -0.94 -12.35 0.19
C GLY A 272 -1.34 -13.73 0.64
N GLY A 273 -0.37 -14.57 0.97
CA GLY A 273 -0.63 -15.90 1.52
C GLY A 273 -0.08 -17.03 0.71
N LEU A 274 -0.28 -18.24 1.24
CA LEU A 274 0.16 -19.47 0.58
C LEU A 274 -0.51 -19.72 -0.79
N GLN A 275 -1.77 -19.33 -0.94
CA GLN A 275 -2.46 -19.49 -2.23
C GLN A 275 -1.67 -18.77 -3.33
N HIS A 276 -1.22 -17.56 -3.04
CA HIS A 276 -0.48 -16.77 -4.02
C HIS A 276 0.98 -17.17 -4.06
N ARG A 278 2.07 -20.18 -3.77
CA ARG A 278 2.20 -21.39 -4.57
C ARG A 278 2.14 -21.05 -6.06
N ALA A 279 1.33 -20.07 -6.46
CA ALA A 279 1.33 -19.60 -7.85
C ALA A 279 2.69 -19.01 -8.22
N PHE A 280 3.22 -18.20 -7.32
CA PHE A 280 4.56 -17.63 -7.47
C PHE A 280 5.62 -18.70 -7.70
N ARG A 281 5.57 -19.74 -6.88
CA ARG A 281 6.46 -20.90 -7.02
C ARG A 281 6.41 -21.49 -8.42
N ASP A 282 5.19 -21.71 -8.90
CA ASP A 282 4.96 -22.31 -10.21
C ASP A 282 5.44 -21.40 -11.37
N PHE A 283 5.27 -20.08 -11.21
CA PHE A 283 5.82 -19.09 -12.14
CA PHE A 283 5.82 -19.12 -12.18
C PHE A 283 7.34 -19.19 -12.22
N CYS A 284 7.98 -19.22 -11.07
CA CYS A 284 9.45 -19.30 -11.01
C CYS A 284 9.97 -20.60 -11.59
N ALA A 285 9.24 -21.69 -11.36
CA ALA A 285 9.62 -22.99 -11.91
C ALA A 285 9.56 -22.96 -13.44
N ALA A 286 8.48 -22.37 -13.97
CA ALA A 286 8.32 -22.23 -15.42
C ALA A 286 9.45 -21.41 -16.04
N ARG A 287 9.92 -20.41 -15.32
CA ARG A 287 10.92 -19.46 -15.84
C ARG A 287 12.35 -19.79 -15.40
N ASN A 288 12.53 -20.86 -14.62
CA ASN A 288 13.84 -21.23 -14.10
C ASN A 288 14.51 -20.10 -13.28
N LEU A 289 13.73 -19.45 -12.42
CA LEU A 289 14.19 -18.33 -11.60
C LEU A 289 14.26 -18.76 -10.15
N PRO A 290 15.46 -18.75 -9.57
CA PRO A 290 15.59 -19.05 -8.15
C PRO A 290 14.90 -18.04 -7.24
N HIS A 291 14.46 -18.51 -6.07
CA HIS A 291 13.78 -17.63 -5.13
C HIS A 291 13.90 -18.15 -3.72
N THR A 292 13.77 -17.23 -2.77
CA THR A 292 13.69 -17.62 -1.37
C THR A 292 12.23 -17.89 -0.98
N CYS A 293 12.03 -18.44 0.22
CA CYS A 293 10.70 -18.74 0.76
C CYS A 293 10.63 -18.20 2.17
N ASP A 294 10.36 -16.89 2.25
CA ASP A 294 10.52 -16.14 3.46
C ASP A 294 9.22 -15.50 3.90
N ASP A 295 9.28 -14.85 5.06
CA ASP A 295 8.32 -13.82 5.40
C ASP A 295 9.06 -12.68 6.12
N ALA A 296 8.32 -11.64 6.46
CA ALA A 296 8.93 -10.47 7.06
C ALA A 296 9.56 -10.83 8.42
N TRP A 297 8.77 -11.49 9.28
CA TRP A 297 9.15 -11.86 10.65
C TRP A 297 8.04 -12.77 11.19
N GLY A 298 8.24 -13.32 12.37
CA GLY A 298 7.17 -14.05 13.01
C GLY A 298 7.71 -15.19 13.83
N GLY A 299 6.82 -15.85 14.55
CA GLY A 299 7.14 -17.03 15.32
C GLY A 299 6.73 -18.29 14.61
N ASP A 300 6.28 -19.28 15.38
CA ASP A 300 6.12 -20.63 14.83
C ASP A 300 5.13 -20.76 13.66
N ILE A 301 4.07 -19.97 13.67
CA ILE A 301 3.03 -20.08 12.65
C ILE A 301 3.61 -19.67 11.30
N VAL A 302 4.21 -18.48 11.25
CA VAL A 302 4.90 -18.01 10.04
C VAL A 302 5.99 -18.99 9.62
N SER A 303 6.79 -19.45 10.58
CA SER A 303 7.88 -20.37 10.29
C SER A 303 7.35 -21.63 9.63
N ALA A 304 6.23 -22.13 10.14
CA ALA A 304 5.63 -23.35 9.58
C ALA A 304 5.17 -23.08 8.15
N ALA A 305 4.51 -21.95 7.93
CA ALA A 305 4.02 -21.63 6.59
C ALA A 305 5.17 -21.58 5.59
N CYS A 306 6.26 -20.92 5.93
CA CYS A 306 7.42 -20.81 5.05
C CYS A 306 8.03 -22.15 4.75
N THR A 307 8.12 -22.99 5.79
CA THR A 307 8.76 -24.28 5.67
C THR A 307 7.94 -25.22 4.75
N HIS A 308 6.62 -25.20 4.92
CA HIS A 308 5.76 -26.01 4.09
C HIS A 308 5.88 -25.64 2.61
N ILE A 309 5.86 -24.35 2.30
CA ILE A 309 5.93 -23.96 0.88
C ILE A 309 7.34 -24.25 0.38
N ALA A 310 8.36 -23.94 1.19
CA ALA A 310 9.75 -24.23 0.78
C ALA A 310 9.98 -25.70 0.38
N SER A 311 9.32 -26.60 1.08
CA SER A 311 9.48 -28.04 0.83
C SER A 311 8.99 -28.50 -0.55
N THR A 312 8.17 -27.67 -1.19
CA THR A 312 7.56 -27.99 -2.49
C THR A 312 8.32 -27.40 -3.67
N VAL A 313 9.45 -26.72 -3.36
CA VAL A 313 10.28 -26.07 -4.39
C VAL A 313 11.41 -26.96 -4.85
N LEU A 314 11.67 -26.98 -6.15
CA LEU A 314 12.82 -27.71 -6.68
C LEU A 314 14.08 -27.21 -5.92
N PRO A 315 14.81 -28.11 -5.20
CA PRO A 315 15.95 -27.60 -4.43
C PRO A 315 16.93 -26.69 -5.21
N ARG A 316 17.10 -26.96 -6.50
CA ARG A 316 17.99 -26.16 -7.35
C ARG A 316 17.52 -24.72 -7.52
N LEU A 317 16.23 -24.48 -7.30
CA LEU A 317 15.70 -23.12 -7.38
C LEU A 317 15.43 -22.53 -6.01
N GLU A 319 16.50 -20.94 -2.89
CA GLU A 319 17.65 -20.23 -2.33
C GLU A 319 17.71 -20.28 -0.81
N GLY A 320 16.63 -20.72 -0.16
CA GLY A 320 16.60 -20.84 1.27
C GLY A 320 15.36 -20.27 1.85
N ALA A 321 14.92 -20.85 2.96
CA ALA A 321 13.83 -20.29 3.77
C ALA A 321 14.42 -19.58 4.97
N TRP A 322 14.40 -18.26 4.93
CA TRP A 322 14.85 -17.49 6.08
C TRP A 322 13.75 -17.53 7.12
N LEU A 323 14.14 -17.70 8.40
CA LEU A 323 13.22 -17.63 9.53
C LEU A 323 13.73 -16.62 10.57
N ALA A 324 12.80 -15.92 11.21
CA ALA A 324 13.14 -15.04 12.33
C ALA A 324 13.45 -15.87 13.57
N GLN A 325 13.14 -17.18 13.54
CA GLN A 325 13.25 -18.08 14.69
C GLN A 325 14.50 -17.88 15.59
N PRO A 326 15.72 -17.74 15.01
CA PRO A 326 16.88 -17.48 15.88
C PRO A 326 16.81 -16.21 16.72
N TYR A 327 15.96 -15.27 16.31
CA TYR A 327 15.80 -13.97 17.00
C TYR A 327 14.58 -13.95 17.92
N VAL A 328 13.86 -15.08 17.99
CA VAL A 328 12.66 -15.23 18.78
C VAL A 328 12.97 -16.13 19.96
N ALA A 329 12.70 -15.62 21.15
CA ALA A 329 13.06 -16.27 22.40
C ALA A 329 12.25 -17.51 22.71
N GLU A 330 10.94 -17.44 22.50
CA GLU A 330 10.03 -18.51 22.89
C GLU A 330 9.16 -19.02 21.75
N HIS A 331 9.12 -20.34 21.61
CA HIS A 331 8.18 -20.99 20.69
C HIS A 331 6.75 -20.87 21.20
N TYR A 332 5.81 -20.80 20.28
CA TYR A 332 4.38 -20.92 20.62
C TYR A 332 4.03 -22.35 20.98
N ASP A 333 4.62 -23.30 20.25
CA ASP A 333 4.52 -24.74 20.49
C ASP A 333 5.92 -25.21 20.87
N ALA A 334 6.19 -25.36 22.17
CA ALA A 334 7.56 -25.57 22.64
C ALA A 334 8.19 -26.85 22.09
N GLU A 335 7.40 -27.89 21.93
CA GLU A 335 7.92 -29.17 21.48
C GLU A 335 8.09 -29.29 19.98
N ASN A 336 7.20 -28.67 19.22
CA ASN A 336 7.14 -28.88 17.78
C ASN A 336 7.46 -27.67 16.92
N GLY A 337 7.57 -26.49 17.52
CA GLY A 337 7.81 -25.29 16.71
C GLY A 337 9.07 -25.47 15.88
N VAL A 338 9.03 -25.04 14.63
CA VAL A 338 10.16 -25.23 13.72
CA VAL A 338 10.14 -25.20 13.70
C VAL A 338 11.39 -24.44 14.17
N ARG A 339 12.56 -25.05 14.00
CA ARG A 339 13.80 -24.42 14.38
C ARG A 339 14.89 -24.77 13.39
N ILE A 340 15.80 -23.84 13.16
CA ILE A 340 16.92 -24.08 12.29
C ILE A 340 17.96 -24.85 13.10
N GLU A 341 18.43 -25.93 12.49
CA GLU A 341 19.47 -26.80 13.05
C GLU A 341 20.50 -27.13 11.98
N GLY A 342 21.75 -26.76 12.22
CA GLY A 342 22.78 -26.95 11.23
C GLY A 342 22.53 -26.23 9.92
N GLY A 343 21.90 -25.05 10.03
CA GLY A 343 21.57 -24.21 8.88
C GLY A 343 20.44 -24.74 8.00
N ARG A 344 19.73 -25.75 8.50
CA ARG A 344 18.67 -26.41 7.72
C ARG A 344 17.43 -26.55 8.57
N ILE A 345 16.30 -26.85 7.92
CA ILE A 345 15.03 -26.93 8.63
C ILE A 345 14.29 -28.23 8.28
N ARG A 346 13.91 -28.99 9.30
CA ARG A 346 13.13 -30.22 9.12
C ARG A 346 11.68 -29.86 8.77
N VAL A 347 11.14 -30.49 7.73
CA VAL A 347 9.79 -30.23 7.28
C VAL A 347 8.77 -30.98 8.16
N PRO A 348 7.76 -30.26 8.70
CA PRO A 348 6.77 -30.92 9.56
C PRO A 348 5.94 -31.92 8.79
N GLN A 349 5.56 -33.02 9.46
CA GLN A 349 4.86 -34.12 8.77
C GLN A 349 3.47 -34.42 9.32
N GLY A 350 3.08 -33.74 10.38
CA GLY A 350 1.71 -33.87 10.91
C GLY A 350 0.66 -33.11 10.12
N PRO A 351 -0.62 -33.22 10.51
CA PRO A 351 -1.66 -32.52 9.76
C PRO A 351 -1.55 -31.00 9.85
N GLY A 352 -2.00 -30.31 8.82
CA GLY A 352 -1.96 -28.86 8.82
C GLY A 352 -0.55 -28.33 8.85
N LEU A 353 -0.36 -27.25 9.62
CA LEU A 353 0.97 -26.66 9.77
C LEU A 353 1.92 -27.48 10.62
N GLY A 354 1.35 -28.41 11.39
CA GLY A 354 2.14 -29.30 12.24
C GLY A 354 2.33 -28.72 13.63
N LEU A 355 1.40 -27.87 14.07
CA LEU A 355 1.51 -27.12 15.33
C LEU A 355 0.39 -27.49 16.26
N THR A 356 0.73 -27.55 17.54
CA THR A 356 -0.26 -27.71 18.57
C THR A 356 -0.06 -26.59 19.58
N ILE A 357 -0.91 -25.58 19.45
CA ILE A 357 -0.81 -24.36 20.25
C ILE A 357 -2.05 -24.23 21.14
N ASP A 358 -1.83 -24.02 22.43
CA ASP A 358 -2.93 -23.85 23.38
C ASP A 358 -3.86 -22.73 22.90
N PRO A 359 -5.18 -22.96 22.88
CA PRO A 359 -6.11 -21.91 22.42
C PRO A 359 -6.00 -20.59 23.20
N GLU A 360 -5.43 -20.65 24.40
CA GLU A 360 -5.23 -19.47 25.25
C GLU A 360 -3.76 -19.00 25.30
N ARG A 361 -2.92 -19.52 24.38
CA ARG A 361 -1.50 -19.20 24.37
C ARG A 361 -1.21 -17.70 24.37
N PHE A 362 -2.10 -16.93 23.73
CA PHE A 362 -1.88 -15.49 23.54
C PHE A 362 -2.80 -14.66 24.39
N GLY A 363 -3.46 -15.29 25.37
CA GLY A 363 -4.43 -14.58 26.19
C GLY A 363 -5.77 -14.39 25.51
N PRO A 364 -6.63 -13.53 26.06
CA PRO A 364 -7.95 -13.35 25.50
C PRO A 364 -7.90 -12.61 24.16
N PRO A 365 -8.88 -12.87 23.28
CA PRO A 365 -8.85 -12.16 22.01
C PRO A 365 -8.96 -10.65 22.15
N LEU A 366 -8.23 -9.92 21.31
CA LEU A 366 -8.43 -8.48 21.18
C LEU A 366 -9.71 -8.17 20.44
N PHE A 367 -10.09 -9.06 19.51
CA PHE A 367 -11.27 -8.90 18.68
C PHE A 367 -11.76 -10.27 18.32
N SER A 368 -13.08 -10.42 18.25
CA SER A 368 -13.64 -11.64 17.69
C SER A 368 -14.92 -11.38 16.92
N ALA A 369 -15.08 -12.12 15.83
CA ALA A 369 -16.23 -12.01 14.95
C ALA A 369 -16.91 -13.36 14.86
N GLU A 370 -18.24 -13.32 14.93
CA GLU A 370 -19.10 -14.49 15.10
C GLU A 370 -18.67 -15.40 16.23
N LYS B 4 6.40 24.86 16.33
CA LYS B 4 6.48 23.39 16.67
C LYS B 4 5.12 22.82 17.07
N ILE B 5 4.92 21.56 16.70
CA ILE B 5 3.71 20.85 17.02
C ILE B 5 3.76 20.46 18.49
N ALA B 6 2.75 20.89 19.24
CA ALA B 6 2.65 20.59 20.66
C ALA B 6 1.80 19.35 20.91
N GLU B 7 0.64 19.28 20.26
CA GLU B 7 -0.29 18.18 20.45
C GLU B 7 -0.98 17.81 19.14
N ILE B 8 -1.37 16.54 19.03
CA ILE B 8 -2.13 16.06 17.89
C ILE B 8 -3.32 15.26 18.39
N GLN B 9 -4.50 15.57 17.87
CA GLN B 9 -5.71 14.83 18.25
C GLN B 9 -6.32 14.21 17.01
N LEU B 10 -6.84 12.98 17.16
CA LEU B 10 -7.52 12.27 16.07
C LEU B 10 -9.00 12.03 16.43
N PHE B 11 -9.86 12.14 15.43
CA PHE B 11 -11.31 11.96 15.55
C PHE B 11 -11.81 11.15 14.35
N GLN B 12 -12.96 10.50 14.50
CA GLN B 12 -13.71 10.01 13.35
C GLN B 12 -15.15 10.51 13.44
N HIS B 13 -15.77 10.64 12.27
CA HIS B 13 -17.09 11.26 12.12
C HIS B 13 -17.81 10.57 10.98
N ASP B 14 -19.09 10.27 11.15
CA ASP B 14 -19.87 9.62 10.10
C ASP B 14 -20.47 10.66 9.14
N LEU B 15 -20.36 10.39 7.84
CA LEU B 15 -20.94 11.17 6.74
C LEU B 15 -21.87 10.32 5.90
N PRO B 16 -23.16 10.27 6.26
CA PRO B 16 -24.09 9.51 5.41
C PRO B 16 -24.24 10.17 4.03
N VAL B 17 -24.32 9.37 2.97
CA VAL B 17 -24.46 9.90 1.62
C VAL B 17 -25.86 10.46 1.40
N VAL B 18 -25.94 11.73 1.06
CA VAL B 18 -27.22 12.37 0.75
C VAL B 18 -27.78 11.72 -0.52
N ASN B 19 -29.00 11.18 -0.41
CA ASN B 19 -29.67 10.43 -1.48
C ASN B 19 -28.83 9.26 -2.04
N GLY B 20 -28.22 8.51 -1.12
CA GLY B 20 -27.35 7.40 -1.50
C GLY B 20 -28.12 6.17 -1.98
N PRO B 21 -27.39 5.11 -2.40
CA PRO B 21 -25.91 5.01 -2.43
C PRO B 21 -25.27 5.69 -3.63
N TYR B 22 -23.94 5.82 -3.56
CA TYR B 22 -23.13 6.35 -4.65
C TYR B 22 -22.41 5.16 -5.29
N ARG B 23 -22.79 4.81 -6.52
CA ARG B 23 -22.43 3.52 -7.10
C ARG B 23 -21.16 3.50 -7.94
N ILE B 24 -20.19 2.68 -7.51
CA ILE B 24 -18.90 2.55 -8.20
C ILE B 24 -18.63 1.12 -8.65
N ALA B 25 -17.96 0.98 -9.79
CA ALA B 25 -17.63 -0.36 -10.32
C ALA B 25 -16.80 -1.17 -9.32
N SER B 26 -15.82 -0.53 -8.65
CA SER B 26 -15.00 -1.21 -7.64
C SER B 26 -15.69 -1.37 -6.27
N GLY B 27 -16.90 -0.82 -6.12
CA GLY B 27 -17.72 -1.01 -4.90
C GLY B 27 -18.56 0.21 -4.53
N ASP B 28 -19.85 -0.02 -4.27
CA ASP B 28 -20.80 1.06 -3.93
C ASP B 28 -20.65 1.53 -2.48
N VAL B 29 -21.00 2.80 -2.22
CA VAL B 29 -20.98 3.37 -0.86
C VAL B 29 -22.33 3.99 -0.40
N TRP B 30 -22.75 3.62 0.82
CA TRP B 30 -23.95 4.18 1.49
C TRP B 30 -23.62 5.27 2.52
N SER B 31 -22.48 5.12 3.21
CA SER B 31 -22.10 6.06 4.27
C SER B 31 -20.62 5.93 4.57
N LEU B 32 -20.00 7.04 4.99
CA LEU B 32 -18.54 7.10 5.06
C LEU B 32 -18.03 7.60 6.39
N THR B 33 -16.98 6.97 6.87
CA THR B 33 -16.34 7.38 8.11
C THR B 33 -15.09 8.18 7.77
N THR B 34 -15.14 9.46 8.07
CA THR B 34 -13.98 10.34 7.87
C THR B 34 -13.11 10.36 9.13
N THR B 35 -11.81 10.60 8.93
CA THR B 35 -10.84 10.66 10.00
C THR B 35 -10.24 12.07 9.96
N ILE B 36 -10.36 12.77 11.09
CA ILE B 36 -9.99 14.17 11.23
C ILE B 36 -8.78 14.28 12.12
N VAL B 37 -7.84 15.14 11.73
CA VAL B 37 -6.69 15.45 12.56
CA VAL B 37 -6.64 15.47 12.48
C VAL B 37 -6.73 16.92 12.95
N LYS B 38 -6.39 17.16 14.21
CA LYS B 38 -6.20 18.49 14.72
C LYS B 38 -4.79 18.54 15.27
N ILE B 39 -3.98 19.45 14.72
CA ILE B 39 -2.65 19.73 15.25
CA ILE B 39 -2.67 19.72 15.30
C ILE B 39 -2.73 21.04 16.04
N ILE B 40 -2.12 21.06 17.21
CA ILE B 40 -2.10 22.23 18.07
C ILE B 40 -0.65 22.67 18.25
N ALA B 41 -0.38 23.93 17.92
CA ALA B 41 0.97 24.45 18.02
C ALA B 41 1.22 24.80 19.46
N GLU B 42 2.50 24.94 19.81
CA GLU B 42 2.89 25.32 21.16
C GLU B 42 2.18 26.62 21.59
N ASP B 43 1.85 27.48 20.64
CA ASP B 43 1.11 28.73 20.92
C ASP B 43 -0.42 28.67 20.93
N GLY B 44 -1.01 27.48 20.79
CA GLY B 44 -2.47 27.32 20.88
C GLY B 44 -3.25 27.40 19.57
N THR B 45 -2.59 27.78 18.49
CA THR B 45 -3.28 27.84 17.20
C THR B 45 -3.46 26.40 16.71
N ILE B 46 -4.55 26.15 16.01
CA ILE B 46 -4.88 24.81 15.53
C ILE B 46 -4.92 24.75 13.99
N GLY B 47 -4.59 23.58 13.47
CA GLY B 47 -4.77 23.33 12.06
C GLY B 47 -5.53 22.01 11.92
N TRP B 48 -6.36 21.94 10.90
CA TRP B 48 -7.20 20.77 10.66
C TRP B 48 -6.83 20.03 9.37
N GLY B 49 -6.94 18.71 9.42
CA GLY B 49 -6.75 17.85 8.26
C GLY B 49 -7.79 16.74 8.28
N GLU B 50 -7.90 16.04 7.16
CA GLU B 50 -8.95 15.08 6.97
C GLU B 50 -8.58 14.09 5.88
N THR B 51 -8.97 12.83 6.10
CA THR B 51 -8.88 11.81 5.05
C THR B 51 -10.06 10.84 5.19
N CYS B 52 -10.67 10.52 4.05
CA CYS B 52 -11.92 9.74 4.04
C CYS B 52 -11.99 8.84 2.81
N PRO B 53 -11.49 7.59 2.92
CA PRO B 53 -11.65 6.63 1.82
C PRO B 53 -13.11 6.40 1.43
N VAL B 54 -13.36 6.09 0.16
CA VAL B 54 -14.70 5.76 -0.29
C VAL B 54 -14.91 4.27 -0.05
N GLY B 55 -15.11 3.94 1.21
CA GLY B 55 -15.20 2.57 1.63
C GLY B 55 -13.89 1.81 1.43
N PRO B 56 -13.90 0.52 1.75
CA PRO B 56 -12.64 -0.25 1.82
C PRO B 56 -12.19 -0.97 0.55
N THR B 57 -12.94 -0.88 -0.56
CA THR B 57 -12.62 -1.62 -1.77
C THR B 57 -12.27 -0.76 -2.98
N TYR B 58 -12.34 0.56 -2.85
CA TYR B 58 -12.11 1.49 -3.97
C TYR B 58 -10.62 1.69 -4.19
N ALA B 59 -9.86 1.62 -3.11
CA ALA B 59 -8.40 1.76 -3.14
C ALA B 59 -7.79 1.00 -1.97
N GLU B 60 -6.46 0.94 -1.91
CA GLU B 60 -5.79 0.27 -0.79
C GLU B 60 -5.79 1.23 0.40
N ALA B 61 -6.95 1.33 1.03
CA ALA B 61 -7.21 2.37 2.02
C ALA B 61 -8.54 2.07 2.66
N HIS B 62 -8.63 2.28 3.97
CA HIS B 62 -9.90 2.20 4.69
C HIS B 62 -9.88 3.03 5.96
N ALA B 63 -11.07 3.35 6.48
CA ALA B 63 -11.14 4.24 7.61
C ALA B 63 -10.35 3.74 8.83
N GLY B 64 -10.46 2.45 9.13
CA GLY B 64 -9.69 1.91 10.24
C GLY B 64 -8.18 1.96 10.01
N GLY B 65 -7.77 1.82 8.76
CA GLY B 65 -6.39 1.97 8.38
C GLY B 65 -5.88 3.39 8.49
N ALA B 66 -6.72 4.36 8.14
CA ALA B 66 -6.35 5.77 8.32
C ALA B 66 -6.08 6.03 9.78
N LEU B 67 -6.97 5.58 10.66
CA LEU B 67 -6.80 5.81 12.09
C LEU B 67 -5.57 5.11 12.63
N ALA B 68 -5.35 3.85 12.28
CA ALA B 68 -4.20 3.10 12.74
C ALA B 68 -2.87 3.75 12.32
N ALA B 69 -2.80 4.18 11.07
CA ALA B 69 -1.60 4.85 10.55
C ALA B 69 -1.38 6.20 11.22
N LEU B 70 -2.47 6.96 11.40
CA LEU B 70 -2.38 8.26 12.06
C LEU B 70 -1.94 8.12 13.52
N GLU B 71 -2.29 7.03 14.17
CA GLU B 71 -1.80 6.80 15.54
C GLU B 71 -0.29 6.67 15.54
N VAL B 72 0.25 5.90 14.60
CA VAL B 72 1.70 5.77 14.47
C VAL B 72 2.37 7.13 14.18
N LEU B 73 1.83 7.85 13.20
CA LEU B 73 2.40 9.13 12.79
C LEU B 73 2.34 10.16 13.91
N ALA B 74 1.15 10.29 14.49
CA ALA B 74 0.90 11.25 15.60
C ALA B 74 1.81 11.01 16.77
N SER B 75 2.06 9.73 17.08
CA SER B 75 2.90 9.31 18.22
C SER B 75 4.34 9.77 18.11
N GLY B 76 4.79 10.05 16.89
CA GLY B 76 6.17 10.43 16.61
C GLY B 76 6.38 11.86 16.14
N LEU B 77 5.32 12.67 16.17
CA LEU B 77 5.34 14.03 15.58
C LEU B 77 5.45 15.21 16.55
N ALA B 78 5.14 15.01 17.82
CA ALA B 78 5.27 16.14 18.76
C ALA B 78 6.69 16.69 18.72
N GLY B 79 6.78 18.03 18.71
CA GLY B 79 8.06 18.71 18.62
C GLY B 79 8.52 19.02 17.21
N ALA B 80 7.94 18.36 16.20
CA ALA B 80 8.36 18.58 14.81
C ALA B 80 7.89 19.95 14.36
N GLU B 81 8.61 20.55 13.41
CA GLU B 81 8.24 21.83 12.84
C GLU B 81 7.06 21.62 11.92
N ALA B 82 6.06 22.48 12.04
CA ALA B 82 4.89 22.50 11.18
C ALA B 82 5.20 23.20 9.87
N LEU B 83 6.11 22.59 9.10
CA LEU B 83 6.43 23.02 7.74
C LEU B 83 6.44 21.74 6.86
N PRO B 84 6.07 21.86 5.59
CA PRO B 84 5.85 20.65 4.77
C PRO B 84 7.05 19.69 4.67
N LEU B 85 8.23 20.22 4.39
CA LEU B 85 9.36 19.33 4.16
C LEU B 85 9.84 18.66 5.44
N PRO B 86 10.04 19.44 6.53
CA PRO B 86 10.28 18.79 7.83
C PRO B 86 9.22 17.75 8.23
N LEU B 87 7.96 18.04 7.95
CA LEU B 87 6.87 17.12 8.29
C LEU B 87 7.02 15.82 7.55
N HIS B 88 7.20 15.91 6.23
CA HIS B 88 7.25 14.69 5.41
C HIS B 88 8.51 13.88 5.70
N THR B 89 9.60 14.56 6.01
CA THR B 89 10.82 13.85 6.40
C THR B 89 10.59 13.04 7.66
N ARG B 90 9.92 13.65 8.62
CA ARG B 90 9.60 12.97 9.89
C ARG B 90 8.62 11.83 9.64
N ASP B 92 7.99 10.08 7.02
CA ASP B 92 8.57 8.99 6.27
C ASP B 92 9.51 8.15 7.12
N SER B 93 10.09 8.74 8.15
CA SER B 93 10.92 8.03 9.12
C SER B 93 10.13 7.18 10.11
N LEU B 94 8.83 7.45 10.22
CA LEU B 94 7.93 6.76 11.15
C LEU B 94 7.13 5.65 10.49
N LEU B 95 6.82 5.82 9.21
CA LEU B 95 5.92 4.86 8.55
C LEU B 95 6.14 4.89 7.06
N CYS B 96 6.32 3.70 6.46
CA CYS B 96 6.45 3.58 5.01
C CYS B 96 5.08 3.63 4.34
N GLY B 97 4.96 4.43 3.28
CA GLY B 97 3.71 4.51 2.51
C GLY B 97 2.57 5.11 3.32
N HIS B 98 1.37 4.59 3.13
CA HIS B 98 0.16 5.09 3.77
C HIS B 98 -0.04 6.58 3.46
N ASN B 99 0.14 6.91 2.19
CA ASN B 99 -0.08 8.28 1.74
C ASN B 99 -1.40 8.88 2.19
N TYR B 100 -2.47 8.08 2.13
CA TYR B 100 -3.78 8.61 2.47
C TYR B 100 -3.88 9.05 3.91
N ALA B 101 -3.10 8.44 4.79
CA ALA B 101 -3.04 8.87 6.17
C ALA B 101 -2.15 10.10 6.33
N LYS B 102 -0.97 10.05 5.72
CA LYS B 102 -0.06 11.19 5.77
C LYS B 102 -0.69 12.48 5.23
N SER B 103 -1.55 12.35 4.23
CA SER B 103 -2.21 13.49 3.61
C SER B 103 -2.93 14.35 4.65
N ALA B 104 -3.61 13.68 5.59
CA ALA B 104 -4.40 14.41 6.58
C ALA B 104 -3.52 15.32 7.45
N LEU B 105 -2.36 14.82 7.86
CA LEU B 105 -1.40 15.63 8.64
C LEU B 105 -0.78 16.74 7.79
N ASP B 106 -0.48 16.43 6.54
CA ASP B 106 0.01 17.46 5.59
C ASP B 106 -0.99 18.64 5.47
N ILE B 107 -2.27 18.32 5.30
CA ILE B 107 -3.31 19.35 5.18
C ILE B 107 -3.34 20.23 6.44
N ALA B 108 -3.32 19.59 7.60
CA ALA B 108 -3.36 20.29 8.89
C ALA B 108 -2.15 21.22 9.05
N VAL B 109 -0.99 20.74 8.63
CA VAL B 109 0.21 21.57 8.68
C VAL B 109 0.09 22.79 7.78
N HIS B 110 -0.46 22.62 6.57
CA HIS B 110 -0.65 23.76 5.70
C HIS B 110 -1.66 24.74 6.30
N ASP B 111 -2.70 24.22 6.95
CA ASP B 111 -3.67 25.09 7.63
C ASP B 111 -2.95 25.92 8.72
N LEU B 112 -2.21 25.22 9.58
CA LEU B 112 -1.48 25.88 10.70
C LEU B 112 -0.49 26.93 10.19
N TRP B 113 0.26 26.56 9.15
CA TRP B 113 1.28 27.43 8.57
C TRP B 113 0.65 28.71 7.99
N GLY B 114 -0.45 28.54 7.26
CA GLY B 114 -1.16 29.70 6.69
C GLY B 114 -1.68 30.60 7.79
N LYS B 115 -2.23 29.99 8.84
CA LYS B 115 -2.78 30.79 9.95
C LYS B 115 -1.70 31.55 10.66
N ARG B 116 -0.54 30.93 10.88
CA ARG B 116 0.61 31.63 11.47
C ARG B 116 1.10 32.83 10.67
N LEU B 117 1.18 32.67 9.35
CA LEU B 117 1.67 33.73 8.46
C LEU B 117 0.58 34.70 8.01
N GLY B 118 -0.67 34.36 8.27
CA GLY B 118 -1.80 35.19 7.90
C GLY B 118 -2.12 35.21 6.43
N VAL B 119 -1.93 34.06 5.77
CA VAL B 119 -2.19 33.95 4.33
C VAL B 119 -2.94 32.67 4.01
N PRO B 120 -3.70 32.65 2.90
CA PRO B 120 -4.42 31.46 2.48
C PRO B 120 -3.45 30.37 2.05
N VAL B 121 -3.90 29.13 2.12
CA VAL B 121 -3.07 28.01 1.68
C VAL B 121 -2.64 28.20 0.23
N HIS B 122 -3.53 28.71 -0.62
CA HIS B 122 -3.15 28.87 -2.02
C HIS B 122 -1.94 29.78 -2.20
N GLU B 123 -1.74 30.76 -1.31
CA GLU B 123 -0.48 31.53 -1.34
C GLU B 123 0.74 30.68 -1.04
N LEU B 124 0.66 29.85 -0.01
CA LEU B 124 1.77 28.94 0.38
C LEU B 124 2.10 27.96 -0.72
N LEU B 125 1.10 27.66 -1.55
CA LEU B 125 1.29 26.76 -2.70
C LEU B 125 1.78 27.47 -3.97
N GLY B 126 2.08 28.75 -3.86
CA GLY B 126 2.72 29.52 -4.93
C GLY B 126 1.90 30.68 -5.46
N GLY B 127 0.63 30.72 -5.07
CA GLY B 127 -0.26 31.82 -5.45
C GLY B 127 -1.37 31.39 -6.38
N ALA B 128 -2.60 31.69 -5.99
CA ALA B 128 -3.75 31.38 -6.83
C ALA B 128 -3.68 32.16 -8.12
N LEU B 129 -4.10 31.51 -9.21
CA LEU B 129 -4.17 32.12 -10.53
C LEU B 129 -5.60 32.56 -10.88
N THR B 130 -6.53 32.29 -9.98
CA THR B 130 -7.94 32.52 -10.24
C THR B 130 -8.69 32.64 -8.90
N ASP B 131 -9.81 33.37 -8.91
CA ASP B 131 -10.70 33.45 -7.74
C ASP B 131 -11.83 32.40 -7.69
N SER B 132 -11.98 31.63 -8.76
CA SER B 132 -12.96 30.56 -8.75
C SER B 132 -12.42 29.46 -9.64
N VAL B 133 -12.77 28.22 -9.33
CA VAL B 133 -12.31 27.08 -10.13
C VAL B 133 -13.47 26.27 -10.72
N SER B 134 -13.18 25.58 -11.83
CA SER B 134 -14.15 24.68 -12.41
C SER B 134 -14.26 23.39 -11.60
N SER B 135 -15.38 22.69 -11.80
CA SER B 135 -15.62 21.38 -11.22
C SER B 135 -16.14 20.44 -12.30
N TYR B 136 -16.23 19.18 -11.95
CA TYR B 136 -16.89 18.22 -12.80
C TYR B 136 -17.81 17.37 -11.98
N TYR B 137 -18.88 16.89 -12.62
CA TYR B 137 -19.84 16.06 -11.96
C TYR B 137 -19.60 14.62 -12.35
N SER B 138 -19.68 13.74 -11.35
CA SER B 138 -19.47 12.30 -11.56
C SER B 138 -20.78 11.53 -11.48
N LEU B 139 -21.21 11.00 -12.62
CA LEU B 139 -22.41 10.16 -12.69
C LEU B 139 -22.07 8.75 -12.25
N GLY B 140 -22.65 8.29 -11.14
CA GLY B 140 -22.51 6.89 -10.78
C GLY B 140 -23.01 5.96 -11.87
N VAL B 141 -22.61 4.69 -11.80
CA VAL B 141 -23.10 3.68 -12.72
C VAL B 141 -24.62 3.59 -12.55
N GLU B 143 -28.60 3.21 -15.17
CA GLU B 143 -29.16 2.91 -16.48
C GLU B 143 -28.77 3.99 -17.49
N PRO B 144 -28.41 3.57 -18.72
CA PRO B 144 -28.07 4.50 -19.80
C PRO B 144 -29.01 5.71 -19.94
N ASP B 145 -30.30 5.49 -19.74
CA ASP B 145 -31.31 6.53 -19.96
C ASP B 145 -31.32 7.53 -18.84
N GLU B 146 -31.15 7.02 -17.62
CA GLU B 146 -30.98 7.85 -16.44
C GLU B 146 -29.69 8.69 -16.55
N ALA B 147 -28.64 8.08 -17.10
CA ALA B 147 -27.38 8.79 -17.29
C ALA B 147 -27.51 9.97 -18.24
N ALA B 148 -28.20 9.77 -19.37
CA ALA B 148 -28.34 10.82 -20.36
C ALA B 148 -29.17 12.00 -19.82
N ARG B 149 -30.18 11.67 -19.03
CA ARG B 149 -31.06 12.67 -18.41
C ARG B 149 -30.28 13.54 -17.43
N GLN B 150 -29.60 12.87 -16.50
CA GLN B 150 -28.76 13.53 -15.48
C GLN B 150 -27.60 14.29 -16.12
N ALA B 151 -27.00 13.74 -17.17
CA ALA B 151 -25.95 14.46 -17.91
C ALA B 151 -26.43 15.84 -18.37
N LEU B 152 -27.61 15.88 -19.02
CA LEU B 152 -28.12 17.14 -19.53
C LEU B 152 -28.42 18.08 -18.36
N GLU B 153 -29.02 17.52 -17.31
CA GLU B 153 -29.35 18.30 -16.12
C GLU B 153 -28.12 18.98 -15.54
N LYS B 154 -27.03 18.24 -15.42
CA LYS B 154 -25.81 18.79 -14.84
C LYS B 154 -25.07 19.74 -15.79
N GLN B 155 -25.14 19.50 -17.09
CA GLN B 155 -24.62 20.47 -18.03
C GLN B 155 -25.37 21.81 -17.84
N ARG B 156 -26.69 21.71 -17.67
CA ARG B 156 -27.53 22.89 -17.52
C ARG B 156 -27.23 23.68 -16.24
N GLU B 157 -26.78 22.98 -15.20
CA GLU B 157 -26.35 23.61 -13.94
C GLU B 157 -25.07 24.43 -14.08
N GLY B 158 -24.24 24.10 -15.06
CA GLY B 158 -23.04 24.87 -15.35
C GLY B 158 -21.75 24.09 -15.25
N TYR B 159 -21.82 22.78 -15.03
CA TYR B 159 -20.58 21.99 -14.99
C TYR B 159 -19.88 22.02 -16.34
N SER B 160 -18.57 22.22 -16.33
CA SER B 160 -17.77 22.31 -17.54
C SER B 160 -17.39 20.92 -18.08
N ARG B 161 -17.59 19.90 -17.25
CA ARG B 161 -17.13 18.54 -17.52
C ARG B 161 -17.96 17.50 -16.77
N LEU B 162 -18.17 16.35 -17.41
CA LEU B 162 -18.95 15.29 -16.86
C LEU B 162 -18.14 14.01 -16.91
N GLN B 163 -18.11 13.27 -15.80
CA GLN B 163 -17.48 11.96 -15.73
C GLN B 163 -18.58 10.93 -15.64
N VAL B 164 -18.58 9.97 -16.56
CA VAL B 164 -19.57 8.92 -16.54
C VAL B 164 -18.90 7.68 -15.97
N LYS B 165 -19.32 7.24 -14.78
CA LYS B 165 -18.82 6.00 -14.24
C LYS B 165 -19.42 4.80 -14.97
N LEU B 166 -18.58 3.81 -15.25
CA LEU B 166 -18.96 2.66 -16.06
C LEU B 166 -18.47 1.36 -15.41
N GLY B 167 -18.96 0.22 -15.90
CA GLY B 167 -18.41 -1.09 -15.51
C GLY B 167 -19.27 -1.92 -14.57
N ALA B 168 -18.72 -3.06 -14.15
CA ALA B 168 -19.45 -4.05 -13.34
C ALA B 168 -20.71 -4.50 -14.05
N ARG B 169 -20.62 -4.56 -15.38
CA ARG B 169 -21.73 -4.98 -16.24
C ARG B 169 -21.15 -5.19 -17.64
N PRO B 170 -21.91 -5.85 -18.55
CA PRO B 170 -21.38 -6.02 -19.90
C PRO B 170 -20.98 -4.71 -20.58
N ILE B 171 -19.87 -4.76 -21.32
CA ILE B 171 -19.38 -3.57 -22.02
C ILE B 171 -20.40 -2.95 -23.00
N GLU B 172 -21.24 -3.76 -23.63
CA GLU B 172 -22.23 -3.20 -24.53
C GLU B 172 -23.14 -2.19 -23.82
N ILE B 173 -23.42 -2.43 -22.54
CA ILE B 173 -24.27 -1.49 -21.76
C ILE B 173 -23.49 -0.20 -21.48
N ASP B 174 -22.19 -0.31 -21.17
CA ASP B 174 -21.36 0.88 -21.03
C ASP B 174 -21.31 1.72 -22.32
N ILE B 175 -21.24 1.06 -23.47
CA ILE B 175 -21.16 1.74 -24.75
C ILE B 175 -22.48 2.43 -25.04
N GLU B 176 -23.57 1.73 -24.73
CA GLU B 176 -24.92 2.32 -24.84
C GLU B 176 -25.03 3.59 -24.01
N ALA B 177 -24.61 3.50 -22.75
CA ALA B 177 -24.62 4.64 -21.83
C ALA B 177 -23.78 5.82 -22.33
N ILE B 178 -22.55 5.58 -22.78
CA ILE B 178 -21.76 6.72 -23.28
C ILE B 178 -22.36 7.34 -24.55
N ARG B 179 -22.92 6.52 -25.43
CA ARG B 179 -23.58 7.05 -26.63
C ARG B 179 -24.83 7.89 -26.31
N LYS B 180 -25.65 7.41 -25.40
CA LYS B 180 -26.85 8.14 -24.96
C LYS B 180 -26.47 9.45 -24.29
N VAL B 181 -25.45 9.40 -23.44
CA VAL B 181 -24.98 10.63 -22.79
C VAL B 181 -24.51 11.61 -23.84
N TRP B 182 -23.69 11.14 -24.78
CA TRP B 182 -23.17 12.02 -25.79
C TRP B 182 -24.28 12.63 -26.64
N GLU B 183 -25.27 11.83 -26.97
CA GLU B 183 -26.40 12.34 -27.77
C GLU B 183 -27.15 13.44 -27.03
N ALA B 184 -27.24 13.32 -25.71
CA ALA B 184 -27.92 14.34 -24.89
C ALA B 184 -27.14 15.65 -24.79
N VAL B 185 -25.80 15.60 -24.73
CA VAL B 185 -25.00 16.82 -24.45
C VAL B 185 -24.15 17.34 -25.60
N ARG B 186 -24.10 16.61 -26.72
CA ARG B 186 -23.27 17.04 -27.84
C ARG B 186 -23.72 18.42 -28.30
N GLY B 187 -22.77 19.27 -28.65
CA GLY B 187 -23.07 20.63 -29.05
C GLY B 187 -23.04 21.66 -27.92
N THR B 188 -23.12 21.19 -26.66
CA THR B 188 -23.03 22.07 -25.49
C THR B 188 -21.58 22.43 -25.12
N GLY B 189 -20.62 21.69 -25.65
CA GLY B 189 -19.20 21.95 -25.40
C GLY B 189 -18.69 21.33 -24.11
N ILE B 190 -19.56 20.63 -23.39
CA ILE B 190 -19.18 20.02 -22.12
C ILE B 190 -18.17 18.93 -22.41
N ALA B 191 -17.12 18.86 -21.61
CA ALA B 191 -16.11 17.82 -21.73
C ALA B 191 -16.62 16.52 -21.13
N LEU B 192 -16.17 15.40 -21.70
CA LEU B 192 -16.67 14.09 -21.34
C LEU B 192 -15.53 13.14 -20.96
N ALA B 193 -15.66 12.52 -19.80
CA ALA B 193 -14.78 11.42 -19.39
C ALA B 193 -15.59 10.13 -19.12
N ALA B 194 -15.03 9.02 -19.61
CA ALA B 194 -15.59 7.69 -19.43
C ALA B 194 -14.70 6.98 -18.44
N ASP B 195 -15.18 6.81 -17.21
CA ASP B 195 -14.41 6.20 -16.14
C ASP B 195 -14.75 4.71 -15.96
N GLY B 196 -13.83 3.85 -16.37
CA GLY B 196 -14.00 2.41 -16.23
C GLY B 196 -13.68 1.87 -14.85
N ASN B 197 -13.20 2.72 -13.93
CA ASN B 197 -13.04 2.31 -12.54
C ASN B 197 -12.18 1.07 -12.41
N ARG B 198 -11.13 0.91 -13.22
CA ARG B 198 -10.30 -0.32 -13.23
C ARG B 198 -11.05 -1.57 -13.63
N GLY B 199 -12.24 -1.42 -14.16
CA GLY B 199 -13.15 -2.56 -14.30
C GLY B 199 -13.15 -3.29 -15.62
N TRP B 200 -12.40 -2.79 -16.61
CA TRP B 200 -12.46 -3.43 -17.91
C TRP B 200 -11.22 -4.26 -18.21
N THR B 201 -11.45 -5.44 -18.78
CA THR B 201 -10.38 -6.20 -19.41
C THR B 201 -9.84 -5.40 -20.59
N THR B 202 -8.61 -5.67 -21.02
CA THR B 202 -8.13 -5.00 -22.24
C THR B 202 -9.02 -5.32 -23.43
N ARG B 203 -9.54 -6.53 -23.49
CA ARG B 203 -10.51 -6.90 -24.56
C ARG B 203 -11.58 -5.81 -24.72
N ASP B 204 -12.23 -5.50 -23.61
CA ASP B 204 -13.37 -4.60 -23.60
C ASP B 204 -12.99 -3.12 -23.74
N ALA B 205 -11.84 -2.73 -23.17
CA ALA B 205 -11.34 -1.36 -23.40
C ALA B 205 -11.08 -1.10 -24.88
N LEU B 206 -10.49 -2.07 -25.59
CA LEU B 206 -10.24 -1.92 -27.02
C LEU B 206 -11.56 -1.69 -27.78
N ARG B 207 -12.57 -2.45 -27.40
CA ARG B 207 -13.87 -2.36 -28.08
C ARG B 207 -14.51 -1.01 -27.83
N PHE B 208 -14.44 -0.53 -26.59
CA PHE B 208 -15.04 0.74 -26.19
C PHE B 208 -14.54 1.89 -27.05
N SER B 209 -13.24 1.96 -27.25
CA SER B 209 -12.64 2.99 -28.09
C SER B 209 -12.94 2.75 -29.57
N ARG B 210 -12.82 1.49 -30.00
CA ARG B 210 -12.93 1.16 -31.43
C ARG B 210 -14.30 1.50 -31.98
N GLU B 211 -15.33 1.27 -31.18
CA GLU B 211 -16.70 1.50 -31.63
C GLU B 211 -17.12 2.98 -31.61
N CYS B 212 -16.35 3.84 -30.96
CA CYS B 212 -16.81 5.22 -30.71
C CYS B 212 -15.83 6.30 -31.11
N PRO B 213 -15.28 6.22 -32.32
CA PRO B 213 -14.31 7.25 -32.73
C PRO B 213 -14.84 8.67 -32.70
N ASP B 214 -16.12 8.85 -33.00
CA ASP B 214 -16.67 10.22 -33.05
C ASP B 214 -17.30 10.70 -31.74
N ILE B 215 -17.11 9.98 -30.63
CA ILE B 215 -17.53 10.43 -29.32
C ILE B 215 -16.24 10.84 -28.59
N PRO B 216 -16.13 12.12 -28.23
CA PRO B 216 -14.88 12.71 -27.74
C PRO B 216 -14.65 12.52 -26.25
N PHE B 217 -14.76 11.29 -25.77
CA PHE B 217 -14.42 11.02 -24.37
C PHE B 217 -12.91 10.88 -24.24
N VAL B 218 -12.44 11.13 -23.02
CA VAL B 218 -11.19 10.53 -22.55
C VAL B 218 -11.54 9.26 -21.77
N GLU B 220 -10.73 7.21 -18.73
CA GLU B 220 -10.11 7.34 -17.42
C GLU B 220 -9.98 5.96 -16.77
N GLN B 221 -8.73 5.56 -16.52
CA GLN B 221 -8.40 4.28 -15.86
C GLN B 221 -9.32 3.13 -16.26
N PRO B 222 -9.35 2.80 -17.55
CA PRO B 222 -10.25 1.75 -17.99
C PRO B 222 -9.95 0.39 -17.41
N CYS B 223 -8.67 0.11 -17.20
CA CYS B 223 -8.22 -1.23 -16.88
C CYS B 223 -7.56 -1.29 -15.51
N ASN B 224 -7.26 -2.51 -15.07
CA ASN B 224 -6.91 -2.76 -13.68
C ASN B 224 -5.49 -2.46 -13.26
N SER B 225 -4.59 -2.31 -14.22
CA SER B 225 -3.19 -2.12 -13.88
C SER B 225 -2.49 -1.18 -14.82
N PHE B 226 -1.32 -0.74 -14.38
CA PHE B 226 -0.42 0.07 -15.19
C PHE B 226 -0.06 -0.67 -16.48
N GLU B 227 0.23 -1.96 -16.36
CA GLU B 227 0.57 -2.79 -17.51
C GLU B 227 -0.56 -2.85 -18.54
N ASP B 228 -1.78 -2.89 -18.04
CA ASP B 228 -2.94 -2.90 -18.95
C ASP B 228 -3.11 -1.60 -19.69
N LEU B 229 -2.83 -0.49 -19.00
CA LEU B 229 -2.80 0.82 -19.68
C LEU B 229 -1.75 0.76 -20.77
N GLU B 230 -0.57 0.20 -20.47
CA GLU B 230 0.49 0.11 -21.46
C GLU B 230 0.07 -0.74 -22.67
N ALA B 231 -0.71 -1.78 -22.41
CA ALA B 231 -1.19 -2.68 -23.48
C ALA B 231 -2.09 -1.96 -24.46
N ILE B 232 -3.04 -1.17 -23.95
CA ILE B 232 -4.08 -0.56 -24.80
C ILE B 232 -3.64 0.75 -25.41
N ARG B 233 -2.67 1.39 -24.79
CA ARG B 233 -2.23 2.71 -25.25
C ARG B 233 -1.97 2.78 -26.76
N PRO B 234 -1.12 1.89 -27.29
CA PRO B 234 -0.87 1.96 -28.74
C PRO B 234 -2.02 1.55 -29.65
N LEU B 235 -3.11 1.07 -29.06
CA LEU B 235 -4.23 0.48 -29.81
C LEU B 235 -5.54 1.26 -29.66
N CYS B 236 -5.51 2.35 -28.90
CA CYS B 236 -6.68 3.18 -28.69
C CYS B 236 -6.38 4.58 -29.18
N HIS B 237 -7.24 5.08 -30.07
CA HIS B 237 -7.06 6.43 -30.59
C HIS B 237 -7.74 7.53 -29.74
N HIS B 238 -8.45 7.15 -28.66
CA HIS B 238 -8.94 8.09 -27.65
C HIS B 238 -7.86 8.32 -26.60
N ALA B 239 -7.83 9.55 -26.08
CA ALA B 239 -6.96 9.90 -24.96
C ALA B 239 -7.20 8.98 -23.76
N LEU B 240 -6.11 8.74 -23.04
CA LEU B 240 -6.12 7.86 -21.91
C LEU B 240 -5.65 8.63 -20.69
N TYR B 241 -6.41 8.56 -19.60
CA TYR B 241 -6.02 9.19 -18.32
C TYR B 241 -5.78 8.15 -17.26
N ASP B 243 -5.77 7.24 -13.15
CA ASP B 243 -6.40 7.67 -11.92
C ASP B 243 -5.86 6.77 -10.81
N GLU B 244 -6.53 5.64 -10.56
CA GLU B 244 -6.15 4.73 -9.46
C GLU B 244 -4.67 4.32 -9.46
N ASP B 245 -4.05 4.17 -10.63
CA ASP B 245 -2.64 3.74 -10.67
C ASP B 245 -1.63 4.81 -10.26
N GLY B 246 -2.08 6.07 -10.12
CA GLY B 246 -1.17 7.18 -9.78
C GLY B 246 -0.98 7.26 -8.30
N THR B 247 -0.23 6.30 -7.77
CA THR B 247 -0.13 6.08 -6.33
C THR B 247 1.06 6.80 -5.68
N SER B 248 1.90 7.44 -6.51
CA SER B 248 3.04 8.23 -6.02
C SER B 248 3.56 9.11 -7.11
N LEU B 249 4.35 10.13 -6.75
CA LEU B 249 5.00 10.99 -7.73
CA LEU B 249 4.96 10.99 -7.76
C LEU B 249 5.92 10.17 -8.63
N ASN B 250 6.60 9.21 -8.04
CA ASN B 250 7.48 8.34 -8.86
C ASN B 250 6.70 7.70 -10.01
N THR B 251 5.57 7.09 -9.70
CA THR B 251 4.77 6.40 -10.70
C THR B 251 4.22 7.36 -11.74
N VAL B 252 3.80 8.55 -11.31
CA VAL B 252 3.37 9.61 -12.22
C VAL B 252 4.48 9.99 -13.17
N ILE B 253 5.69 10.17 -12.65
CA ILE B 253 6.80 10.48 -13.53
C ILE B 253 7.07 9.38 -14.55
N THR B 254 6.95 8.13 -14.15
CA THR B 254 7.07 7.01 -15.10
C THR B 254 6.06 7.11 -16.23
N ALA B 255 4.80 7.36 -15.88
CA ALA B 255 3.70 7.57 -16.87
C ALA B 255 3.79 8.79 -17.78
N ALA B 256 4.14 9.94 -17.20
CA ALA B 256 4.25 11.17 -17.98
C ALA B 256 5.47 11.14 -18.88
N ALA B 257 6.59 10.77 -18.28
CA ALA B 257 7.81 10.67 -19.06
C ALA B 257 7.67 9.71 -20.26
N THR B 258 6.98 8.60 -20.12
CA THR B 258 6.80 7.64 -21.28
C THR B 258 5.55 7.95 -22.21
N SER B 259 4.90 9.05 -21.93
CA SER B 259 3.68 9.46 -22.61
C SER B 259 2.62 8.37 -22.63
N LEU B 260 2.55 7.63 -21.54
CA LEU B 260 1.52 6.59 -21.40
C LEU B 260 0.12 7.18 -21.38
N VAL B 261 0.00 8.36 -20.80
CA VAL B 261 -1.28 8.99 -20.62
C VAL B 261 -1.26 10.42 -21.11
N ASP B 262 -2.47 10.91 -21.35
CA ASP B 262 -2.71 12.29 -21.79
C ASP B 262 -3.21 13.22 -20.68
N GLY B 263 -3.32 12.69 -19.47
CA GLY B 263 -3.77 13.44 -18.32
C GLY B 263 -4.05 12.52 -17.15
N PHE B 264 -4.51 13.12 -16.05
CA PHE B 264 -4.70 12.40 -14.79
C PHE B 264 -5.95 12.80 -14.08
N GLY B 265 -6.57 11.81 -13.45
CA GLY B 265 -7.43 12.07 -12.32
C GLY B 265 -6.53 11.92 -11.13
N LYS B 267 -5.96 12.37 -6.85
CA LYS B 267 -6.51 12.57 -5.50
C LYS B 267 -5.41 12.96 -4.54
N VAL B 268 -5.69 13.99 -3.74
CA VAL B 268 -4.71 14.51 -2.82
C VAL B 268 -4.29 13.42 -1.83
N SER B 269 -5.22 12.62 -1.32
CA SER B 269 -4.85 11.59 -0.33
C SER B 269 -3.96 10.52 -0.94
N ARG B 270 -4.23 10.16 -2.18
CA ARG B 270 -3.46 9.09 -2.82
C ARG B 270 -2.00 9.48 -2.99
N ILE B 271 -1.75 10.74 -3.34
CA ILE B 271 -0.39 11.21 -3.62
CA ILE B 271 -0.38 11.19 -3.61
C ILE B 271 0.35 11.62 -2.33
N GLY B 272 -0.40 11.74 -1.22
CA GLY B 272 0.17 11.98 0.10
C GLY B 272 0.14 13.41 0.64
N GLY B 273 -0.73 14.23 0.08
CA GLY B 273 -0.97 15.57 0.64
C GLY B 273 -0.63 16.70 -0.32
N LEU B 274 -0.82 17.94 0.16
CA LEU B 274 -0.59 19.11 -0.67
C LEU B 274 0.85 19.31 -1.11
N GLN B 275 1.81 18.91 -0.31
CA GLN B 275 3.21 19.07 -0.67
C GLN B 275 3.45 18.26 -1.97
N HIS B 276 2.92 17.03 -2.03
CA HIS B 276 3.11 16.21 -3.22
C HIS B 276 2.17 16.61 -4.35
N ARG B 278 1.45 19.69 -5.01
CA ARG B 278 2.03 20.83 -5.67
C ARG B 278 3.13 20.40 -6.65
N ALA B 279 3.92 19.41 -6.27
CA ALA B 279 4.91 18.84 -7.18
C ALA B 279 4.25 18.24 -8.43
N PHE B 280 3.18 17.48 -8.20
CA PHE B 280 2.39 16.90 -9.30
C PHE B 280 1.89 17.97 -10.27
N ARG B 281 1.37 19.05 -9.70
CA ARG B 281 0.88 20.15 -10.52
C ARG B 281 1.97 20.70 -11.43
N ASP B 282 3.15 20.89 -10.84
CA ASP B 282 4.29 21.46 -11.56
C ASP B 282 4.79 20.51 -12.65
N PHE B 283 4.79 19.21 -12.35
CA PHE B 283 5.12 18.19 -13.36
CA PHE B 283 5.08 18.16 -13.34
C PHE B 283 4.12 18.26 -14.53
N CYS B 284 2.83 18.32 -14.24
CA CYS B 284 1.83 18.37 -15.31
C CYS B 284 1.94 19.66 -16.13
N ALA B 285 2.25 20.79 -15.47
CA ALA B 285 2.44 22.05 -16.17
C ALA B 285 3.62 21.95 -17.14
N ALA B 286 4.70 21.33 -16.70
CA ALA B 286 5.90 21.16 -17.55
C ALA B 286 5.60 20.28 -18.76
N ARG B 287 4.73 19.29 -18.57
CA ARG B 287 4.38 18.33 -19.61
C ARG B 287 3.11 18.64 -20.38
N ASN B 288 2.46 19.76 -20.05
CA ASN B 288 1.20 20.15 -20.68
C ASN B 288 0.15 19.05 -20.61
N LEU B 289 0.02 18.45 -19.43
CA LEU B 289 -0.92 17.36 -19.21
C LEU B 289 -2.05 17.85 -18.30
N PRO B 290 -3.28 17.81 -18.80
CA PRO B 290 -4.42 18.17 -17.94
C PRO B 290 -4.64 17.23 -16.77
N HIS B 291 -5.20 17.74 -15.68
CA HIS B 291 -5.49 16.89 -14.54
C HIS B 291 -6.61 17.46 -13.71
N THR B 292 -7.21 16.60 -12.91
CA THR B 292 -8.19 17.03 -11.90
C THR B 292 -7.47 17.33 -10.58
N CYS B 293 -8.21 17.91 -9.63
CA CYS B 293 -7.73 18.17 -8.28
C CYS B 293 -8.81 17.68 -7.34
N ASP B 294 -8.76 16.38 -7.04
CA ASP B 294 -9.82 15.72 -6.29
C ASP B 294 -9.32 15.15 -4.98
N ASP B 295 -10.25 14.53 -4.25
CA ASP B 295 -9.90 13.57 -3.23
C ASP B 295 -11.00 12.50 -3.22
N ALA B 296 -10.79 11.44 -2.45
CA ALA B 296 -11.71 10.32 -2.44
C ALA B 296 -13.10 10.73 -1.95
N TRP B 297 -13.13 11.40 -0.80
CA TRP B 297 -14.36 11.87 -0.17
C TRP B 297 -13.96 12.80 0.95
N GLY B 298 -14.93 13.44 1.58
CA GLY B 298 -14.65 14.21 2.78
C GLY B 298 -15.56 15.42 2.87
N GLY B 299 -15.44 16.11 4.00
CA GLY B 299 -16.20 17.33 4.25
C GLY B 299 -15.40 18.57 3.90
N ASP B 300 -15.64 19.65 4.66
CA ASP B 300 -15.09 20.96 4.35
C ASP B 300 -13.56 21.02 4.35
N ILE B 301 -12.90 20.19 5.16
CA ILE B 301 -11.44 20.26 5.27
C ILE B 301 -10.81 19.74 3.98
N VAL B 302 -11.20 18.54 3.56
CA VAL B 302 -10.78 18.01 2.25
C VAL B 302 -11.21 18.94 1.11
N SER B 303 -12.45 19.43 1.11
CA SER B 303 -12.90 20.31 0.03
C SER B 303 -12.06 21.60 -0.07
N ALA B 304 -11.73 22.18 1.07
CA ALA B 304 -10.89 23.37 1.11
C ALA B 304 -9.52 23.04 0.54
N ALA B 305 -8.93 21.93 0.98
CA ALA B 305 -7.61 21.53 0.46
C ALA B 305 -7.61 21.45 -1.07
N CYS B 306 -8.59 20.74 -1.63
CA CYS B 306 -8.69 20.56 -3.09
C CYS B 306 -8.86 21.89 -3.81
N THR B 307 -9.70 22.77 -3.26
CA THR B 307 -9.95 24.05 -3.89
C THR B 307 -8.70 24.95 -3.89
N HIS B 308 -7.97 24.95 -2.78
CA HIS B 308 -6.73 25.72 -2.71
C HIS B 308 -5.72 25.26 -3.77
N ILE B 309 -5.47 23.97 -3.85
CA ILE B 309 -4.51 23.53 -4.90
C ILE B 309 -5.05 23.79 -6.29
N ALA B 310 -6.34 23.56 -6.50
CA ALA B 310 -6.96 23.77 -7.81
C ALA B 310 -6.81 25.19 -8.31
N SER B 311 -6.82 26.15 -7.38
CA SER B 311 -6.73 27.56 -7.71
C SER B 311 -5.39 27.96 -8.31
N THR B 312 -4.40 27.10 -8.10
CA THR B 312 -3.03 27.37 -8.53
C THR B 312 -2.68 26.73 -9.87
N VAL B 313 -3.65 26.03 -10.46
CA VAL B 313 -3.44 25.35 -11.74
C VAL B 313 -3.90 26.22 -12.90
N LEU B 314 -3.13 26.24 -13.97
CA LEU B 314 -3.56 26.96 -15.16
C LEU B 314 -4.96 26.47 -15.58
N PRO B 315 -5.95 27.37 -15.66
CA PRO B 315 -7.30 26.85 -15.95
C PRO B 315 -7.44 25.94 -17.17
N ARG B 316 -6.61 26.11 -18.19
CA ARG B 316 -6.68 25.26 -19.38
C ARG B 316 -6.22 23.83 -19.12
N LEU B 317 -5.49 23.61 -18.06
CA LEU B 317 -5.03 22.27 -17.69
C LEU B 317 -5.82 21.69 -16.50
N GLU B 319 -8.92 20.18 -15.18
CA GLU B 319 -10.11 19.49 -15.66
C GLU B 319 -11.26 19.59 -14.66
N GLY B 320 -10.99 20.06 -13.47
CA GLY B 320 -12.01 20.28 -12.47
C GLY B 320 -11.64 19.73 -11.11
N ALA B 321 -12.10 20.42 -10.06
CA ALA B 321 -12.02 19.91 -8.71
C ALA B 321 -13.33 19.27 -8.30
N TRP B 322 -13.34 17.95 -8.29
CA TRP B 322 -14.53 17.21 -7.82
C TRP B 322 -14.57 17.29 -6.29
N LEU B 323 -15.75 17.57 -5.74
CA LEU B 323 -15.99 17.56 -4.31
C LEU B 323 -17.14 16.62 -3.93
N ALA B 324 -17.04 16.03 -2.74
CA ALA B 324 -18.08 15.15 -2.22
C ALA B 324 -19.21 16.01 -1.65
N GLN B 325 -18.96 17.31 -1.55
CA GLN B 325 -19.86 18.27 -0.87
C GLN B 325 -21.36 18.10 -1.17
N PRO B 326 -21.75 17.91 -2.44
CA PRO B 326 -23.20 17.68 -2.69
C PRO B 326 -23.80 16.44 -2.03
N TYR B 327 -22.95 15.49 -1.63
CA TYR B 327 -23.38 14.23 -1.05
C TYR B 327 -23.21 14.24 0.47
N VAL B 328 -22.70 15.34 1.01
CA VAL B 328 -22.43 15.50 2.41
C VAL B 328 -23.51 16.40 3.04
N ALA B 329 -24.19 15.88 4.05
CA ALA B 329 -25.34 16.57 4.64
C ALA B 329 -24.97 17.82 5.40
N GLU B 330 -23.83 17.81 6.09
CA GLU B 330 -23.53 18.89 7.03
C GLU B 330 -22.14 19.49 6.83
N HIS B 331 -22.07 20.81 6.85
CA HIS B 331 -20.80 21.52 6.90
C HIS B 331 -20.16 21.45 8.28
N TYR B 332 -18.83 21.42 8.30
CA TYR B 332 -18.06 21.59 9.53
C TYR B 332 -18.02 23.05 9.92
N ASP B 333 -17.96 23.93 8.93
CA ASP B 333 -18.00 25.38 9.11
C ASP B 333 -19.12 25.91 8.24
N ALA B 334 -20.23 26.27 8.88
CA ALA B 334 -21.43 26.70 8.17
C ALA B 334 -21.28 28.01 7.42
N GLU B 335 -20.36 28.86 7.85
CA GLU B 335 -20.15 30.15 7.20
C GLU B 335 -19.26 30.04 5.98
N ASN B 336 -18.17 29.31 6.11
CA ASN B 336 -17.06 29.35 5.15
C ASN B 336 -16.87 28.06 4.35
N GLY B 337 -17.52 26.97 4.72
CA GLY B 337 -17.37 25.69 4.03
C GLY B 337 -17.66 25.85 2.55
N VAL B 338 -16.83 25.25 1.70
CA VAL B 338 -16.93 25.41 0.26
CA VAL B 338 -16.97 25.49 0.27
C VAL B 338 -18.16 24.71 -0.29
N ARG B 339 -18.83 25.33 -1.24
CA ARG B 339 -19.99 24.74 -1.90
C ARG B 339 -19.85 24.92 -3.40
N ILE B 340 -20.28 23.91 -4.16
CA ILE B 340 -20.29 24.02 -5.61
C ILE B 340 -21.53 24.81 -5.98
N GLU B 341 -21.33 25.88 -6.73
CA GLU B 341 -22.41 26.76 -7.18
C GLU B 341 -22.31 27.00 -8.67
N GLY B 342 -23.32 26.53 -9.40
CA GLY B 342 -23.33 26.67 -10.82
C GLY B 342 -22.17 25.90 -11.47
N GLY B 343 -21.82 24.76 -10.88
CA GLY B 343 -20.73 23.91 -11.39
C GLY B 343 -19.34 24.45 -11.15
N ARG B 344 -19.22 25.48 -10.31
CA ARG B 344 -17.93 26.10 -10.00
C ARG B 344 -17.78 26.29 -8.50
N ILE B 345 -16.57 26.60 -8.06
CA ILE B 345 -16.26 26.73 -6.64
C ILE B 345 -15.48 28.02 -6.37
N ARG B 346 -15.96 28.82 -5.42
CA ARG B 346 -15.28 30.05 -5.03
C ARG B 346 -14.07 29.70 -4.15
N VAL B 347 -12.93 30.28 -4.46
CA VAL B 347 -11.70 30.00 -3.76
C VAL B 347 -11.70 30.72 -2.40
N PRO B 348 -11.43 30.00 -1.30
CA PRO B 348 -11.39 30.71 -0.02
C PRO B 348 -10.26 31.73 0.08
N GLN B 349 -10.48 32.80 0.84
CA GLN B 349 -9.48 33.86 0.96
C GLN B 349 -9.01 34.17 2.37
N GLY B 350 -9.60 33.54 3.37
CA GLY B 350 -9.09 33.65 4.76
C GLY B 350 -7.69 33.03 4.96
N PRO B 351 -7.06 33.26 6.13
CA PRO B 351 -5.83 32.54 6.46
C PRO B 351 -5.99 31.01 6.49
N GLY B 352 -4.91 30.29 6.15
CA GLY B 352 -4.94 28.82 6.18
C GLY B 352 -5.94 28.30 5.19
N LEU B 353 -6.65 27.25 5.55
CA LEU B 353 -7.70 26.69 4.69
C LEU B 353 -8.93 27.57 4.51
N GLY B 354 -9.07 28.54 5.40
CA GLY B 354 -10.17 29.50 5.38
C GLY B 354 -11.37 29.03 6.16
N LEU B 355 -11.12 28.17 7.13
CA LEU B 355 -12.16 27.53 7.94
C LEU B 355 -12.03 27.89 9.40
N THR B 356 -13.18 28.06 10.04
CA THR B 356 -13.27 28.11 11.50
C THR B 356 -14.18 27.00 11.96
N ILE B 357 -13.58 26.02 12.63
CA ILE B 357 -14.29 24.84 13.04
C ILE B 357 -14.13 24.75 14.55
N ASP B 358 -15.24 24.56 15.26
CA ASP B 358 -15.22 24.46 16.72
C ASP B 358 -14.29 23.33 17.11
N PRO B 359 -13.42 23.55 18.10
CA PRO B 359 -12.51 22.47 18.55
C PRO B 359 -13.20 21.18 19.00
N GLU B 360 -14.48 21.27 19.36
CA GLU B 360 -15.28 20.13 19.78
C GLU B 360 -16.25 19.65 18.72
N ARG B 361 -16.10 20.12 17.48
CA ARG B 361 -17.05 19.80 16.42
C ARG B 361 -17.26 18.30 16.21
N PHE B 362 -16.23 17.49 16.48
CA PHE B 362 -16.25 16.06 16.22
C PHE B 362 -16.26 15.23 17.49
N GLY B 363 -16.58 15.88 18.61
CA GLY B 363 -16.66 15.22 19.89
C GLY B 363 -15.28 15.10 20.53
N PRO B 364 -15.16 14.24 21.56
CA PRO B 364 -13.86 14.02 22.17
C PRO B 364 -12.92 13.26 21.23
N PRO B 365 -11.61 13.43 21.42
CA PRO B 365 -10.69 12.67 20.58
C PRO B 365 -10.76 11.17 20.85
N LEU B 366 -10.47 10.40 19.81
CA LEU B 366 -10.19 8.97 19.94
C LEU B 366 -8.76 8.69 20.38
N PHE B 367 -7.87 9.62 20.06
CA PHE B 367 -6.46 9.44 20.31
C PHE B 367 -5.81 10.80 20.39
N SER B 368 -4.83 10.94 21.27
CA SER B 368 -4.07 12.15 21.29
C SER B 368 -2.62 11.90 21.66
N ALA B 369 -1.75 12.76 21.16
CA ALA B 369 -0.32 12.69 21.41
C ALA B 369 0.14 14.06 21.86
N GLU B 370 0.90 14.09 22.94
CA GLU B 370 1.58 15.32 23.35
C GLU B 370 2.96 14.95 23.88
N GLY B 371 3.97 15.67 23.43
CA GLY B 371 5.35 15.21 23.58
C GLY B 371 5.56 13.76 23.16
N HIS B 372 6.18 12.99 24.06
CA HIS B 372 6.57 11.59 23.83
CA HIS B 372 6.53 11.59 23.77
C HIS B 372 5.52 10.62 24.38
N HIS B 373 4.36 11.15 24.78
CA HIS B 373 3.27 10.35 25.32
C HIS B 373 2.10 10.34 24.37
N HIS B 374 1.35 9.24 24.38
CA HIS B 374 0.08 9.18 23.65
C HIS B 374 -0.98 8.57 24.53
N HIS B 375 -2.24 8.81 24.18
CA HIS B 375 -3.37 8.41 24.99
C HIS B 375 -4.45 7.87 24.07
N HIS B 376 -4.94 6.66 24.37
CA HIS B 376 -6.15 6.14 23.75
C HIS B 376 -7.31 6.54 24.64
N HIS B 377 -8.28 7.27 24.10
CA HIS B 377 -9.33 7.84 24.95
C HIS B 377 -10.47 6.86 25.23
#